data_7NQK
#
_entry.id   7NQK
#
_cell.length_a   1.00
_cell.length_b   1.00
_cell.length_c   1.00
_cell.angle_alpha   90.00
_cell.angle_beta   90.00
_cell.angle_gamma   90.00
#
_symmetry.space_group_name_H-M   'P 1'
#
loop_
_entity.id
_entity.type
_entity.pdbx_description
1 polymer 'Solute carrier family 15 member 2'
2 polymer nanobody
#
loop_
_entity_poly.entity_id
_entity_poly.type
_entity_poly.pdbx_seq_one_letter_code
_entity_poly.pdbx_strand_id
1 'polypeptide(L)'
;MNPFQKNESKETLFSPVSTEEMLPRPPSPPKKSPPKIFGSSYPVSIAFIVVNEFCERFSYYGMKAVLTLYFLYFLHWNED
TSTSVYHAFSSLCYFTPILGAAIADSWLGKFKTIIYLSLVYVLGHVFKSLGAIPILGGKMLHTILSLVGLSLIALGTGGI
KPCVAAFGGDQFEEEHAEARTRYFSVFYLAINAGSLISTFITPMLRGDVKCFGQDCYALAFGVPGLLMVLALVVFAMGSK
MYRKPPPEGNIVAQVIKCIWFALCNRFRNRSGDLPKRQHWLDWAAEKYPKHLIADVKALTRVLFLYIPLPMFWALLDQQG
SRWTLQANKMNGDLGFFVLQPDQMQVLNPFLVLIFIPLFDLVIYRLISKCRINFSSLRKMAVGMILACLAFAVAALVETK
INGMIHPQPASQEIFLQVLNLADGDVKVTVLGSRNNSLLVESVSSFQNTTHYSKLHLEAKSQDLHFHLKYNSLSVHNDHS
VEEKNCYQLLIHQDGESISSMLVKDTGIKPANGMAAIRFINTLHKDLNISLDTDAPLSVGKDYGVSAYRTVLRGKYPAVH
CETEDKVFSLDLGQLDFGTTYLFVITNITSQGLQAWKAEDIPVNKLSIAWQLPQYVLVTAAEVMFSVTGLEFSYSQAPSS
MKSVLQAAWLLTVAVGNIIVLVVAQFSGLAQWAEFVLFSCLLLVVCLIFSVMAYYYVPLKSEDTREATDKQIPAVQGNMI
NLETKNTRLVEGENLYFQ
;
A
2 'polypeptide(L)'
;GPSQVQLVESGGGLVQPGGSLRLLCVASGRPFNDYDMGWFRQAPGKEREFVASISWSGRVTDYSDSMKGRCTVSRDNAKG
TMFLQMSNLVPRDTAVYYCAAARRRWTFKATNTEEFYETWGQGTQVTVSSA
;
B
#
# COMPACT_ATOMS: atom_id res chain seq x y z
N PRO A 43 -36.78 -1.61 -17.13
CA PRO A 43 -36.23 -1.81 -15.79
C PRO A 43 -35.90 -0.50 -15.13
N VAL A 44 -36.83 0.45 -15.14
CA VAL A 44 -36.55 1.78 -14.60
C VAL A 44 -36.24 1.71 -13.11
N SER A 45 -36.77 0.70 -12.41
CA SER A 45 -36.60 0.63 -10.97
C SER A 45 -35.18 0.25 -10.56
N ILE A 46 -34.29 -0.03 -11.52
CA ILE A 46 -32.90 -0.25 -11.15
C ILE A 46 -32.20 1.07 -10.88
N ALA A 47 -32.88 2.19 -11.14
CA ALA A 47 -32.30 3.48 -10.82
C ALA A 47 -31.96 3.56 -9.34
N PHE A 48 -32.92 3.24 -8.48
CA PHE A 48 -32.62 3.14 -7.06
C PHE A 48 -32.08 1.77 -6.68
N ILE A 49 -31.15 1.23 -7.47
CA ILE A 49 -30.36 0.08 -7.08
C ILE A 49 -28.88 0.29 -7.32
N VAL A 50 -28.51 1.14 -8.27
CA VAL A 50 -27.12 1.40 -8.59
C VAL A 50 -26.60 2.62 -7.85
N VAL A 51 -27.41 3.67 -7.75
CA VAL A 51 -27.04 4.82 -6.94
C VAL A 51 -26.98 4.49 -5.46
N ASN A 52 -27.59 3.37 -5.05
CA ASN A 52 -27.43 2.89 -3.69
C ASN A 52 -26.13 2.12 -3.49
N GLU A 53 -25.79 1.23 -4.42
CA GLU A 53 -24.52 0.54 -4.34
C GLU A 53 -23.36 1.52 -4.42
N PHE A 54 -23.46 2.51 -5.29
CA PHE A 54 -22.43 3.55 -5.36
C PHE A 54 -22.23 4.22 -4.01
N CYS A 55 -23.32 4.71 -3.42
CA CYS A 55 -23.24 5.49 -2.20
C CYS A 55 -22.95 4.64 -0.97
N GLU A 56 -23.06 3.32 -1.04
CA GLU A 56 -22.66 2.55 0.14
C GLU A 56 -21.26 1.98 -0.01
N ARG A 57 -20.86 1.62 -1.23
CA ARG A 57 -19.46 1.27 -1.46
C ARG A 57 -18.56 2.47 -1.20
N PHE A 58 -19.04 3.67 -1.56
CA PHE A 58 -18.29 4.88 -1.25
C PHE A 58 -18.02 4.97 0.24
N SER A 59 -19.06 4.83 1.06
CA SER A 59 -18.89 4.94 2.49
C SER A 59 -17.98 3.84 3.03
N TYR A 60 -18.16 2.62 2.55
CA TYR A 60 -17.37 1.50 3.05
C TYR A 60 -15.89 1.71 2.76
N TYR A 61 -15.56 2.07 1.52
CA TYR A 61 -14.16 2.30 1.19
C TYR A 61 -13.60 3.55 1.84
N GLY A 62 -14.44 4.56 2.11
CA GLY A 62 -13.99 5.72 2.83
C GLY A 62 -13.64 5.41 4.27
N MET A 63 -14.45 4.60 4.93
CA MET A 63 -14.19 4.25 6.33
C MET A 63 -13.18 3.14 6.47
N LYS A 64 -12.86 2.42 5.40
CA LYS A 64 -11.76 1.46 5.49
C LYS A 64 -10.40 2.13 5.50
N ALA A 65 -10.20 3.13 4.64
CA ALA A 65 -8.87 3.74 4.51
C ALA A 65 -8.44 4.41 5.80
N VAL A 66 -9.35 5.15 6.45
CA VAL A 66 -9.01 5.87 7.66
C VAL A 66 -9.03 4.99 8.90
N LEU A 67 -9.43 3.72 8.75
CA LEU A 67 -9.59 2.86 9.92
C LEU A 67 -8.27 2.64 10.63
N THR A 68 -7.22 2.31 9.88
CA THR A 68 -5.93 2.01 10.50
C THR A 68 -5.33 3.26 11.15
N LEU A 69 -5.44 4.40 10.49
CA LEU A 69 -4.95 5.63 11.09
C LEU A 69 -5.72 5.95 12.37
N TYR A 70 -7.04 5.74 12.35
CA TYR A 70 -7.85 5.95 13.55
C TYR A 70 -7.38 5.06 14.68
N PHE A 71 -7.20 3.77 14.40
CA PHE A 71 -6.75 2.83 15.43
C PHE A 71 -5.41 3.26 16.01
N LEU A 72 -4.45 3.58 15.14
CA LEU A 72 -3.11 3.86 15.63
C LEU A 72 -3.03 5.19 16.37
N TYR A 73 -3.61 6.25 15.80
CA TYR A 73 -3.33 7.59 16.27
C TYR A 73 -4.45 8.20 17.11
N PHE A 74 -5.57 7.51 17.28
CA PHE A 74 -6.63 8.02 18.14
C PHE A 74 -6.83 7.13 19.35
N LEU A 75 -7.08 5.84 19.15
CA LEU A 75 -7.13 4.91 20.27
C LEU A 75 -5.75 4.58 20.81
N HIS A 76 -4.69 4.95 20.09
CA HIS A 76 -3.33 4.73 20.53
C HIS A 76 -3.08 3.26 20.85
N TRP A 77 -3.52 2.39 19.96
CA TRP A 77 -3.42 0.96 20.18
C TRP A 77 -2.06 0.43 19.72
N ASN A 78 -1.69 -0.73 20.26
CA ASN A 78 -0.50 -1.40 19.82
C ASN A 78 -0.63 -1.78 18.35
N GLU A 79 0.51 -1.86 17.67
CA GLU A 79 0.48 -2.06 16.21
C GLU A 79 -0.06 -3.43 15.87
N ASP A 80 0.43 -4.48 16.52
CA ASP A 80 -0.03 -5.83 16.19
C ASP A 80 -1.50 -5.99 16.53
N THR A 81 -1.95 -5.42 17.65
CA THR A 81 -3.37 -5.45 17.97
C THR A 81 -4.19 -4.73 16.91
N SER A 82 -3.70 -3.59 16.44
CA SER A 82 -4.45 -2.83 15.45
C SER A 82 -4.55 -3.58 14.13
N THR A 83 -3.44 -4.11 13.63
CA THR A 83 -3.49 -4.86 12.38
C THR A 83 -4.34 -6.11 12.54
N SER A 84 -4.23 -6.78 13.69
CA SER A 84 -5.04 -7.96 13.92
C SER A 84 -6.52 -7.64 13.89
N VAL A 85 -6.93 -6.58 14.57
CA VAL A 85 -8.36 -6.26 14.62
C VAL A 85 -8.83 -5.77 13.25
N TYR A 86 -7.98 -5.06 12.51
CA TYR A 86 -8.37 -4.61 11.19
C TYR A 86 -8.58 -5.78 10.25
N HIS A 87 -7.66 -6.75 10.28
CA HIS A 87 -7.81 -7.92 9.43
C HIS A 87 -9.01 -8.75 9.86
N ALA A 88 -9.25 -8.86 11.16
CA ALA A 88 -10.42 -9.58 11.63
C ALA A 88 -11.70 -8.91 11.15
N PHE A 89 -11.74 -7.57 11.19
CA PHE A 89 -12.92 -6.86 10.71
C PHE A 89 -13.13 -7.07 9.23
N SER A 90 -12.07 -7.02 8.44
CA SER A 90 -12.21 -7.27 7.00
C SER A 90 -12.69 -8.69 6.74
N SER A 91 -12.13 -9.66 7.45
CA SER A 91 -12.54 -11.05 7.28
C SER A 91 -14.01 -11.23 7.67
N LEU A 92 -14.43 -10.59 8.75
CA LEU A 92 -15.83 -10.67 9.15
C LEU A 92 -16.73 -10.06 8.09
N CYS A 93 -16.34 -8.91 7.54
CA CYS A 93 -17.09 -8.33 6.43
C CYS A 93 -17.22 -9.33 5.29
N TYR A 94 -16.17 -10.10 5.05
CA TYR A 94 -16.17 -11.02 3.92
C TYR A 94 -16.97 -12.30 4.17
N PHE A 95 -17.00 -12.80 5.41
CA PHE A 95 -17.70 -14.06 5.69
C PHE A 95 -19.17 -13.90 6.02
N THR A 96 -19.58 -12.75 6.52
CA THR A 96 -20.98 -12.52 6.89
C THR A 96 -22.03 -12.64 5.79
N PRO A 97 -21.71 -12.45 4.48
CA PRO A 97 -22.75 -12.60 3.45
C PRO A 97 -23.64 -13.84 3.55
N ILE A 98 -23.13 -14.95 4.10
CA ILE A 98 -24.00 -16.09 4.35
C ILE A 98 -25.10 -15.72 5.33
N LEU A 99 -24.76 -14.99 6.40
CA LEU A 99 -25.78 -14.55 7.34
C LEU A 99 -26.73 -13.54 6.71
N GLY A 100 -26.41 -13.02 5.54
CA GLY A 100 -27.34 -12.17 4.82
C GLY A 100 -28.15 -12.93 3.80
N ALA A 101 -27.47 -13.77 3.00
CA ALA A 101 -28.18 -14.50 1.95
C ALA A 101 -29.16 -15.50 2.54
N ALA A 102 -28.76 -16.21 3.61
CA ALA A 102 -29.67 -17.17 4.21
C ALA A 102 -30.90 -16.47 4.79
N ILE A 103 -30.66 -15.40 5.55
CA ILE A 103 -31.76 -14.62 6.13
C ILE A 103 -32.56 -13.88 5.08
N ALA A 104 -32.07 -13.82 3.85
CA ALA A 104 -32.86 -13.29 2.75
C ALA A 104 -33.73 -14.35 2.09
N ASP A 105 -33.14 -15.47 1.70
CA ASP A 105 -33.83 -16.49 0.93
C ASP A 105 -34.59 -17.49 1.78
N SER A 106 -34.53 -17.38 3.11
CA SER A 106 -35.31 -18.28 3.95
C SER A 106 -36.41 -17.55 4.71
N TRP A 107 -36.04 -16.51 5.44
CA TRP A 107 -36.97 -15.73 6.24
C TRP A 107 -37.01 -14.31 5.69
N LEU A 108 -38.13 -13.64 5.91
CA LEU A 108 -38.20 -12.19 5.76
C LEU A 108 -38.05 -11.74 4.31
N GLY A 109 -37.78 -12.67 3.41
CA GLY A 109 -37.63 -12.34 2.00
C GLY A 109 -36.41 -11.45 1.75
N LYS A 110 -36.45 -10.76 0.62
CA LYS A 110 -35.47 -9.71 0.33
C LYS A 110 -36.20 -8.45 -0.11
N PHE A 111 -35.48 -7.33 -0.02
CA PHE A 111 -35.96 -5.96 0.00
C PHE A 111 -36.62 -5.68 1.36
N LYS A 112 -36.85 -6.75 2.11
CA LYS A 112 -37.12 -6.62 3.53
C LYS A 112 -35.94 -7.09 4.35
N THR A 113 -34.96 -7.73 3.73
CA THR A 113 -33.67 -7.89 4.36
C THR A 113 -32.73 -6.75 4.02
N ILE A 114 -32.82 -6.19 2.82
CA ILE A 114 -32.03 -5.00 2.50
C ILE A 114 -32.36 -3.87 3.45
N ILE A 115 -33.65 -3.58 3.63
CA ILE A 115 -34.03 -2.47 4.50
C ILE A 115 -33.65 -2.78 5.95
N TYR A 116 -34.04 -3.95 6.43
CA TYR A 116 -33.87 -4.27 7.84
C TYR A 116 -32.43 -4.60 8.20
N LEU A 117 -31.53 -4.70 7.21
CA LEU A 117 -30.12 -4.89 7.49
C LEU A 117 -29.32 -3.63 7.23
N SER A 118 -29.70 -2.82 6.25
CA SER A 118 -29.12 -1.51 6.12
C SER A 118 -29.48 -0.61 7.29
N LEU A 119 -30.61 -0.87 7.96
CA LEU A 119 -30.88 -0.15 9.20
C LEU A 119 -29.83 -0.47 10.26
N VAL A 120 -29.48 -1.74 10.41
CA VAL A 120 -28.43 -2.12 11.35
C VAL A 120 -27.10 -1.54 10.90
N TYR A 121 -26.87 -1.50 9.60
CA TYR A 121 -25.66 -0.87 9.07
C TYR A 121 -25.61 0.61 9.45
N VAL A 122 -26.73 1.30 9.36
CA VAL A 122 -26.79 2.71 9.77
C VAL A 122 -26.49 2.83 11.26
N LEU A 123 -27.08 1.93 12.06
CA LEU A 123 -26.80 1.97 13.48
C LEU A 123 -25.32 1.75 13.77
N GLY A 124 -24.69 0.87 13.00
CA GLY A 124 -23.26 0.64 13.17
C GLY A 124 -22.44 1.87 12.85
N HIS A 125 -22.79 2.56 11.75
CA HIS A 125 -22.08 3.79 11.45
C HIS A 125 -22.33 4.86 12.51
N VAL A 126 -23.52 4.90 13.09
CA VAL A 126 -23.79 5.85 14.16
C VAL A 126 -22.93 5.53 15.38
N PHE A 127 -22.88 4.26 15.76
CA PHE A 127 -22.07 3.87 16.90
C PHE A 127 -20.58 3.99 16.63
N LYS A 128 -20.18 4.09 15.36
CA LYS A 128 -18.81 4.41 15.04
C LYS A 128 -18.54 5.90 15.17
N SER A 129 -19.26 6.72 14.41
CA SER A 129 -19.04 8.15 14.45
C SER A 129 -19.28 8.73 15.84
N LEU A 130 -20.08 8.06 16.67
CA LEU A 130 -20.25 8.45 18.05
C LEU A 130 -19.09 8.01 18.92
N GLY A 131 -18.34 7.00 18.49
CA GLY A 131 -17.22 6.53 19.27
C GLY A 131 -15.94 7.28 18.98
N ALA A 132 -16.01 8.22 18.05
CA ALA A 132 -14.88 9.08 17.74
C ALA A 132 -15.02 10.45 18.38
N ILE A 133 -16.01 10.64 19.25
CA ILE A 133 -16.16 11.93 19.93
C ILE A 133 -15.07 12.02 20.98
N PRO A 134 -14.22 13.05 20.91
CA PRO A 134 -13.11 13.16 21.87
C PRO A 134 -13.47 13.83 23.19
N ILE A 135 -14.74 14.07 23.46
CA ILE A 135 -15.12 14.76 24.69
C ILE A 135 -15.64 13.79 25.75
N LEU A 136 -16.75 13.10 25.46
CA LEU A 136 -17.39 12.27 26.46
C LEU A 136 -16.63 10.96 26.62
N GLY A 137 -16.40 10.56 27.86
CA GLY A 137 -15.78 9.29 28.15
C GLY A 137 -14.33 9.25 27.72
N GLY A 138 -13.70 8.11 27.96
CA GLY A 138 -12.34 7.92 27.49
C GLY A 138 -11.82 6.52 27.66
N LYS A 139 -11.32 5.94 26.57
CA LYS A 139 -10.55 4.71 26.59
C LYS A 139 -11.42 3.50 26.93
N MET A 140 -12.65 3.73 27.35
CA MET A 140 -13.61 2.66 27.53
C MET A 140 -14.86 2.87 26.70
N LEU A 141 -15.46 4.06 26.79
CA LEU A 141 -16.54 4.40 25.86
C LEU A 141 -16.02 4.46 24.44
N HIS A 142 -14.89 5.13 24.22
CA HIS A 142 -14.33 5.26 22.89
C HIS A 142 -13.96 3.91 22.29
N THR A 143 -13.66 2.93 23.12
CA THR A 143 -13.34 1.60 22.64
C THR A 143 -14.60 0.76 22.42
N ILE A 144 -15.53 0.80 23.37
CA ILE A 144 -16.75 0.00 23.26
C ILE A 144 -17.55 0.42 22.04
N LEU A 145 -17.76 1.73 21.88
CA LEU A 145 -18.53 2.20 20.73
C LEU A 145 -17.83 1.85 19.43
N SER A 146 -16.51 1.98 19.39
CA SER A 146 -15.79 1.69 18.16
C SER A 146 -15.90 0.22 17.78
N LEU A 147 -15.69 -0.68 18.75
CA LEU A 147 -15.77 -2.10 18.43
C LEU A 147 -17.19 -2.52 18.05
N VAL A 148 -18.20 -1.99 18.74
CA VAL A 148 -19.57 -2.30 18.36
C VAL A 148 -19.85 -1.76 16.97
N GLY A 149 -19.29 -0.60 16.64
CA GLY A 149 -19.47 -0.06 15.30
C GLY A 149 -18.85 -0.95 14.23
N LEU A 150 -17.62 -1.41 14.45
CA LEU A 150 -17.03 -2.36 13.51
C LEU A 150 -17.90 -3.60 13.35
N SER A 151 -18.36 -4.15 14.47
CA SER A 151 -19.15 -5.38 14.41
C SER A 151 -20.42 -5.17 13.59
N LEU A 152 -21.16 -4.10 13.89
CA LEU A 152 -22.43 -3.88 13.20
C LEU A 152 -22.21 -3.51 11.75
N ILE A 153 -21.16 -2.74 11.44
CA ILE A 153 -20.90 -2.37 10.06
C ILE A 153 -20.54 -3.60 9.24
N ALA A 154 -19.74 -4.49 9.80
CA ALA A 154 -19.43 -5.73 9.11
C ALA A 154 -20.69 -6.56 8.89
N LEU A 155 -21.50 -6.71 9.95
CA LEU A 155 -22.73 -7.47 9.84
C LEU A 155 -23.67 -6.87 8.79
N GLY A 156 -23.62 -5.55 8.62
CA GLY A 156 -24.44 -4.92 7.60
C GLY A 156 -23.92 -5.21 6.20
N THR A 157 -22.67 -4.83 5.92
CA THR A 157 -22.14 -4.93 4.58
C THR A 157 -22.14 -6.37 4.09
N GLY A 158 -21.75 -7.31 4.95
CA GLY A 158 -21.77 -8.69 4.56
C GLY A 158 -23.16 -9.27 4.69
N GLY A 159 -24.01 -8.96 3.72
CA GLY A 159 -25.41 -9.30 3.79
C GLY A 159 -26.24 -8.25 3.10
N ILE A 160 -25.68 -7.06 2.94
CA ILE A 160 -26.21 -6.15 1.93
C ILE A 160 -25.55 -6.41 0.58
N LYS A 161 -24.27 -6.78 0.55
CA LYS A 161 -23.59 -6.95 -0.72
C LYS A 161 -24.24 -7.99 -1.64
N PRO A 162 -24.54 -9.22 -1.19
CA PRO A 162 -25.10 -10.21 -2.13
C PRO A 162 -26.56 -9.93 -2.44
N CYS A 163 -27.31 -9.58 -1.40
CA CYS A 163 -28.74 -9.43 -1.54
C CYS A 163 -29.11 -8.27 -2.45
N VAL A 164 -28.31 -7.21 -2.47
CA VAL A 164 -28.64 -6.09 -3.34
C VAL A 164 -28.47 -6.48 -4.81
N ALA A 165 -27.40 -7.20 -5.13
CA ALA A 165 -27.22 -7.66 -6.51
C ALA A 165 -28.32 -8.64 -6.91
N ALA A 166 -28.65 -9.57 -6.00
CA ALA A 166 -29.73 -10.50 -6.31
C ALA A 166 -31.04 -9.77 -6.56
N PHE A 167 -31.34 -8.77 -5.73
CA PHE A 167 -32.57 -8.01 -5.92
C PHE A 167 -32.54 -7.26 -7.23
N GLY A 168 -31.40 -6.66 -7.57
CA GLY A 168 -31.31 -5.97 -8.85
C GLY A 168 -31.56 -6.90 -10.02
N GLY A 169 -31.08 -8.14 -9.91
CA GLY A 169 -31.39 -9.12 -10.94
C GLY A 169 -32.87 -9.42 -11.05
N ASP A 170 -33.55 -9.54 -9.91
CA ASP A 170 -34.94 -9.95 -9.92
C ASP A 170 -35.86 -8.92 -10.58
N GLN A 171 -35.40 -7.69 -10.73
CA GLN A 171 -36.24 -6.67 -11.36
C GLN A 171 -36.55 -7.02 -12.81
N PHE A 172 -35.72 -7.84 -13.44
CA PHE A 172 -35.87 -8.14 -14.85
C PHE A 172 -36.80 -9.33 -15.05
N GLU A 173 -37.20 -9.54 -16.30
CA GLU A 173 -38.00 -10.69 -16.68
C GLU A 173 -37.10 -11.72 -17.34
N GLU A 174 -37.46 -12.99 -17.20
CA GLU A 174 -36.67 -14.05 -17.83
C GLU A 174 -36.70 -13.92 -19.35
N GLU A 175 -37.77 -13.35 -19.90
CA GLU A 175 -37.81 -13.11 -21.35
C GLU A 175 -36.76 -12.09 -21.77
N HIS A 176 -36.52 -11.07 -20.95
CA HIS A 176 -35.43 -10.12 -21.20
C HIS A 176 -34.14 -10.59 -20.51
N ALA A 177 -33.75 -11.83 -20.77
CA ALA A 177 -32.57 -12.38 -20.12
C ALA A 177 -31.29 -11.67 -20.49
N GLU A 178 -31.23 -11.00 -21.65
CA GLU A 178 -30.01 -10.34 -22.09
C GLU A 178 -29.70 -9.07 -21.31
N ALA A 179 -30.70 -8.23 -21.06
CA ALA A 179 -30.48 -6.95 -20.41
C ALA A 179 -29.93 -7.08 -19.00
N ARG A 180 -30.06 -8.25 -18.37
CA ARG A 180 -29.46 -8.44 -17.05
C ARG A 180 -27.95 -8.29 -17.11
N THR A 181 -27.31 -8.76 -18.19
CA THR A 181 -25.87 -8.66 -18.29
C THR A 181 -25.41 -7.21 -18.25
N ARG A 182 -26.09 -6.33 -18.98
CA ARG A 182 -25.73 -4.92 -18.93
C ARG A 182 -25.98 -4.35 -17.54
N TYR A 183 -27.02 -4.82 -16.84
CA TYR A 183 -27.24 -4.33 -15.49
C TYR A 183 -26.09 -4.70 -14.57
N PHE A 184 -25.59 -5.94 -14.67
CA PHE A 184 -24.47 -6.33 -13.83
C PHE A 184 -23.20 -5.59 -14.21
N SER A 185 -23.01 -5.33 -15.50
CA SER A 185 -21.88 -4.50 -15.92
C SER A 185 -21.95 -3.12 -15.29
N VAL A 186 -23.14 -2.49 -15.33
CA VAL A 186 -23.32 -1.20 -14.70
C VAL A 186 -23.11 -1.29 -13.20
N PHE A 187 -23.52 -2.40 -12.59
CA PHE A 187 -23.32 -2.60 -11.16
C PHE A 187 -21.85 -2.58 -10.80
N TYR A 188 -21.04 -3.35 -11.52
CA TYR A 188 -19.62 -3.36 -11.25
C TYR A 188 -19.00 -1.99 -11.53
N LEU A 189 -19.47 -1.31 -12.58
CA LEU A 189 -19.00 0.03 -12.85
C LEU A 189 -19.28 0.96 -11.67
N ALA A 190 -20.46 0.85 -11.09
CA ALA A 190 -20.80 1.67 -9.94
C ALA A 190 -19.92 1.35 -8.74
N ILE A 191 -19.67 0.05 -8.50
CA ILE A 191 -18.81 -0.34 -7.38
C ILE A 191 -17.44 0.30 -7.52
N ASN A 192 -16.82 0.16 -8.70
CA ASN A 192 -15.47 0.67 -8.83
C ASN A 192 -15.45 2.20 -8.95
N ALA A 193 -16.52 2.81 -9.42
CA ALA A 193 -16.61 4.27 -9.37
C ALA A 193 -16.66 4.76 -7.93
N GLY A 194 -17.40 4.05 -7.08
CA GLY A 194 -17.41 4.37 -5.67
C GLY A 194 -16.02 4.28 -5.08
N SER A 195 -15.31 3.19 -5.42
CA SER A 195 -13.95 3.02 -4.92
C SER A 195 -13.06 4.18 -5.37
N LEU A 196 -13.15 4.55 -6.65
CA LEU A 196 -12.34 5.63 -7.20
C LEU A 196 -12.59 6.95 -6.49
N ILE A 197 -13.86 7.30 -6.33
CA ILE A 197 -14.19 8.57 -5.69
C ILE A 197 -13.75 8.55 -4.24
N SER A 198 -13.87 7.40 -3.58
CA SER A 198 -13.39 7.31 -2.20
C SER A 198 -11.88 7.53 -2.13
N THR A 199 -11.14 6.99 -3.08
CA THR A 199 -9.69 7.19 -3.09
C THR A 199 -9.34 8.65 -3.31
N PHE A 200 -10.03 9.32 -4.22
CA PHE A 200 -9.79 10.75 -4.43
C PHE A 200 -10.28 11.67 -3.33
N ILE A 201 -11.23 11.25 -2.50
CA ILE A 201 -11.85 12.22 -1.59
C ILE A 201 -11.62 11.94 -0.12
N THR A 202 -11.20 10.74 0.28
CA THR A 202 -10.96 10.54 1.72
C THR A 202 -9.73 11.28 2.25
N PRO A 203 -8.68 11.56 1.46
CA PRO A 203 -7.60 12.37 2.02
C PRO A 203 -8.03 13.77 2.40
N MET A 204 -9.13 14.27 1.83
CA MET A 204 -9.61 15.60 2.12
C MET A 204 -10.48 15.63 3.37
N LEU A 205 -10.46 14.59 4.17
CA LEU A 205 -11.31 14.50 5.35
C LEU A 205 -10.55 14.33 6.65
N ARG A 206 -9.47 13.54 6.66
CA ARG A 206 -8.80 13.19 7.89
C ARG A 206 -7.67 14.14 8.26
N GLY A 207 -7.47 15.22 7.51
CA GLY A 207 -6.35 16.13 7.71
C GLY A 207 -6.80 17.50 8.18
N ASP A 208 -6.27 17.92 9.32
CA ASP A 208 -6.34 19.29 9.81
C ASP A 208 -7.78 19.78 9.98
N VAL A 209 -8.50 19.11 10.86
CA VAL A 209 -9.82 19.56 11.31
C VAL A 209 -9.88 19.32 12.82
N LYS A 210 -10.88 19.86 13.51
CA LYS A 210 -10.71 20.16 14.92
C LYS A 210 -11.59 19.31 15.86
N CYS A 211 -12.22 18.23 15.38
CA CYS A 211 -13.58 17.84 15.80
C CYS A 211 -13.87 18.41 17.18
N PHE A 212 -13.09 18.12 18.23
CA PHE A 212 -13.19 18.80 19.52
C PHE A 212 -11.83 18.78 20.20
N GLY A 213 -11.04 19.82 19.97
CA GLY A 213 -9.79 20.01 20.69
C GLY A 213 -8.64 19.12 20.28
N GLN A 214 -8.84 18.19 19.36
CA GLN A 214 -7.78 17.28 18.92
C GLN A 214 -7.91 17.11 17.42
N ASP A 215 -7.21 16.10 16.88
CA ASP A 215 -7.41 15.75 15.49
C ASP A 215 -8.81 15.20 15.28
N CYS A 216 -9.33 15.35 14.08
CA CYS A 216 -10.75 15.20 13.80
C CYS A 216 -10.99 13.90 13.04
N TYR A 217 -11.50 12.88 13.75
CA TYR A 217 -11.83 11.62 13.12
C TYR A 217 -13.33 11.37 13.05
N ALA A 218 -14.15 12.15 13.74
CA ALA A 218 -15.60 11.96 13.66
C ALA A 218 -16.09 12.26 12.25
N LEU A 219 -15.63 13.36 11.66
CA LEU A 219 -16.03 13.70 10.30
C LEU A 219 -15.57 12.63 9.32
N ALA A 220 -14.35 12.15 9.49
CA ALA A 220 -13.84 11.09 8.61
C ALA A 220 -14.72 9.84 8.69
N PHE A 221 -15.43 9.66 9.80
CA PHE A 221 -16.43 8.61 9.93
C PHE A 221 -17.84 9.11 9.71
N GLY A 222 -18.12 10.37 10.03
CA GLY A 222 -19.47 10.90 9.86
C GLY A 222 -19.88 10.99 8.41
N VAL A 223 -18.98 11.49 7.56
CA VAL A 223 -19.32 11.64 6.14
C VAL A 223 -19.69 10.31 5.50
N PRO A 224 -18.93 9.22 5.67
CA PRO A 224 -19.40 7.93 5.14
C PRO A 224 -20.75 7.55 5.69
N GLY A 225 -20.96 7.69 7.01
CA GLY A 225 -22.24 7.34 7.59
C GLY A 225 -23.36 8.20 7.05
N LEU A 226 -23.12 9.50 6.91
CA LEU A 226 -24.16 10.38 6.38
C LEU A 226 -24.51 10.02 4.94
N LEU A 227 -23.51 9.74 4.11
CA LEU A 227 -23.82 9.42 2.72
C LEU A 227 -24.52 8.07 2.63
N MET A 228 -24.13 7.13 3.48
CA MET A 228 -24.79 5.83 3.45
C MET A 228 -26.23 5.90 3.94
N VAL A 229 -26.51 6.73 4.96
CA VAL A 229 -27.90 6.88 5.38
C VAL A 229 -28.69 7.72 4.39
N LEU A 230 -28.02 8.53 3.58
CA LEU A 230 -28.72 9.17 2.48
C LEU A 230 -28.87 8.26 1.27
N ALA A 231 -28.16 7.13 1.25
CA ALA A 231 -28.43 6.08 0.29
C ALA A 231 -29.59 5.19 0.72
N LEU A 232 -29.68 4.93 2.02
CA LEU A 232 -30.82 4.17 2.53
C LEU A 232 -32.14 4.87 2.28
N VAL A 233 -32.14 6.16 2.01
CA VAL A 233 -33.39 6.84 1.69
C VAL A 233 -33.65 6.82 0.18
N VAL A 234 -32.61 6.79 -0.65
CA VAL A 234 -32.86 6.68 -2.08
C VAL A 234 -33.33 5.27 -2.41
N PHE A 235 -32.84 4.26 -1.69
CA PHE A 235 -33.32 2.91 -1.91
C PHE A 235 -34.81 2.80 -1.59
N ALA A 236 -35.22 3.28 -0.42
CA ALA A 236 -36.58 3.09 0.03
C ALA A 236 -37.60 3.84 -0.82
N MET A 237 -37.16 4.79 -1.63
CA MET A 237 -38.11 5.52 -2.46
C MET A 237 -38.74 4.61 -3.50
N GLY A 238 -38.04 3.55 -3.91
CA GLY A 238 -38.50 2.65 -4.94
C GLY A 238 -39.42 1.54 -4.47
N SER A 239 -39.96 1.62 -3.25
CA SER A 239 -40.83 0.56 -2.75
C SER A 239 -42.08 0.42 -3.60
N LYS A 240 -42.53 1.51 -4.23
CA LYS A 240 -43.66 1.48 -5.14
C LYS A 240 -43.26 1.02 -6.53
N MET A 241 -41.97 0.75 -6.77
CA MET A 241 -41.49 0.45 -8.10
C MET A 241 -40.95 -0.96 -8.28
N TYR A 242 -40.49 -1.63 -7.23
CA TYR A 242 -39.81 -2.90 -7.38
C TYR A 242 -40.79 -4.01 -7.68
N ARG A 243 -40.25 -5.23 -7.84
CA ARG A 243 -40.98 -6.44 -8.18
C ARG A 243 -40.71 -7.52 -7.14
N LYS A 244 -40.87 -7.15 -5.86
CA LYS A 244 -40.56 -7.96 -4.69
C LYS A 244 -40.99 -9.41 -4.84
N PRO A 245 -40.05 -10.35 -4.90
CA PRO A 245 -40.42 -11.76 -4.92
C PRO A 245 -40.53 -12.32 -3.51
N PRO A 246 -41.68 -12.86 -3.14
CA PRO A 246 -41.79 -13.54 -1.85
C PRO A 246 -40.91 -14.77 -1.81
N PRO A 247 -40.30 -15.07 -0.66
CA PRO A 247 -39.56 -16.33 -0.54
C PRO A 247 -40.49 -17.52 -0.62
N GLU A 248 -39.99 -18.62 -1.16
CA GLU A 248 -40.83 -19.78 -1.41
C GLU A 248 -40.87 -20.75 -0.25
N GLY A 249 -39.83 -20.79 0.58
CA GLY A 249 -39.85 -21.69 1.72
C GLY A 249 -38.58 -21.54 2.52
N ASN A 250 -38.49 -22.33 3.59
CA ASN A 250 -37.32 -22.33 4.45
C ASN A 250 -36.19 -23.03 3.71
N ILE A 251 -35.65 -22.33 2.71
CA ILE A 251 -34.80 -22.96 1.71
C ILE A 251 -33.54 -23.53 2.34
N VAL A 252 -32.82 -22.71 3.12
CA VAL A 252 -31.57 -23.18 3.69
C VAL A 252 -31.83 -24.36 4.62
N ALA A 253 -32.93 -24.31 5.36
CA ALA A 253 -33.35 -25.47 6.14
C ALA A 253 -33.64 -26.65 5.23
N GLN A 254 -34.40 -26.41 4.16
CA GLN A 254 -34.71 -27.49 3.23
C GLN A 254 -33.46 -28.04 2.57
N VAL A 255 -32.55 -27.16 2.14
CA VAL A 255 -31.33 -27.63 1.48
C VAL A 255 -30.49 -28.46 2.44
N ILE A 256 -30.32 -27.98 3.67
CA ILE A 256 -29.49 -28.72 4.63
C ILE A 256 -30.13 -30.06 4.95
N LYS A 257 -31.44 -30.08 5.18
CA LYS A 257 -32.12 -31.34 5.50
C LYS A 257 -32.03 -32.31 4.34
N CYS A 258 -32.21 -31.82 3.12
CA CYS A 258 -32.13 -32.66 1.94
C CYS A 258 -30.74 -33.26 1.76
N ILE A 259 -29.71 -32.43 1.94
CA ILE A 259 -28.36 -32.96 1.73
C ILE A 259 -28.00 -33.94 2.84
N TRP A 260 -28.46 -33.71 4.07
CA TRP A 260 -28.22 -34.68 5.12
C TRP A 260 -28.88 -36.01 4.80
N PHE A 261 -30.16 -35.99 4.39
CA PHE A 261 -30.80 -37.23 4.01
C PHE A 261 -30.13 -37.88 2.82
N ALA A 262 -29.58 -37.08 1.91
CA ALA A 262 -28.80 -37.64 0.81
C ALA A 262 -27.60 -38.41 1.33
N LEU A 263 -26.88 -37.81 2.28
CA LEU A 263 -25.77 -38.51 2.90
C LEU A 263 -26.25 -39.41 4.05
N CYS A 264 -27.31 -40.15 3.76
CA CYS A 264 -27.75 -41.26 4.60
C CYS A 264 -28.18 -42.50 3.81
N ASN A 265 -28.53 -42.36 2.53
CA ASN A 265 -29.18 -43.45 1.82
C ASN A 265 -28.18 -44.43 1.22
N ARG A 266 -27.08 -43.93 0.66
CA ARG A 266 -26.13 -44.83 0.01
C ARG A 266 -25.48 -45.77 1.03
N PHE A 267 -25.50 -45.39 2.31
CA PHE A 267 -24.70 -46.07 3.33
C PHE A 267 -25.43 -47.34 3.77
N ARG A 268 -25.38 -48.35 2.92
CA ARG A 268 -26.03 -49.64 3.14
C ARG A 268 -24.96 -50.62 3.63
N ASN A 269 -24.67 -50.57 4.93
CA ASN A 269 -23.50 -51.28 5.46
C ASN A 269 -23.54 -52.77 5.21
N ARG A 270 -24.48 -53.49 5.81
CA ARG A 270 -24.56 -54.93 5.62
C ARG A 270 -25.80 -55.33 4.83
N SER A 271 -26.17 -54.51 3.85
CA SER A 271 -27.28 -54.80 2.95
C SER A 271 -27.16 -53.84 1.75
N GLY A 272 -28.18 -53.82 0.91
CA GLY A 272 -28.24 -52.86 -0.17
C GLY A 272 -28.34 -53.51 -1.54
N ASP A 273 -29.19 -52.94 -2.39
CA ASP A 273 -29.20 -53.30 -3.80
C ASP A 273 -29.34 -52.10 -4.73
N LEU A 274 -29.68 -50.92 -4.23
CA LEU A 274 -29.87 -49.73 -5.07
C LEU A 274 -29.67 -48.49 -4.20
N PRO A 275 -28.42 -48.21 -3.83
CA PRO A 275 -28.18 -47.16 -2.81
C PRO A 275 -28.67 -45.79 -3.23
N LYS A 276 -28.09 -45.25 -4.30
CA LYS A 276 -28.60 -44.04 -4.93
C LYS A 276 -28.05 -44.03 -6.35
N ARG A 277 -28.92 -44.28 -7.33
CA ARG A 277 -28.51 -44.72 -8.64
C ARG A 277 -28.59 -43.58 -9.65
N GLN A 278 -27.62 -43.55 -10.58
CA GLN A 278 -27.51 -42.64 -11.72
C GLN A 278 -27.18 -41.21 -11.32
N HIS A 279 -27.11 -40.89 -10.03
CA HIS A 279 -26.59 -39.64 -9.51
C HIS A 279 -26.47 -39.80 -8.01
N TRP A 280 -25.94 -38.78 -7.34
CA TRP A 280 -25.70 -38.88 -5.92
C TRP A 280 -26.78 -38.17 -5.11
N LEU A 281 -27.88 -37.80 -5.75
CA LEU A 281 -29.10 -37.33 -5.08
C LEU A 281 -30.32 -38.13 -5.50
N ASP A 282 -30.22 -38.93 -6.56
CA ASP A 282 -31.41 -39.47 -7.20
C ASP A 282 -32.20 -40.39 -6.28
N TRP A 283 -31.59 -40.84 -5.18
CA TRP A 283 -32.33 -41.54 -4.15
C TRP A 283 -32.41 -40.75 -2.85
N ALA A 284 -32.06 -39.47 -2.89
CA ALA A 284 -32.60 -38.54 -1.90
C ALA A 284 -33.87 -37.90 -2.44
N ALA A 285 -34.76 -38.75 -2.93
CA ALA A 285 -35.96 -38.31 -3.62
C ALA A 285 -37.21 -39.05 -3.20
N GLU A 286 -37.09 -40.09 -2.37
CA GLU A 286 -38.29 -40.70 -1.81
C GLU A 286 -39.05 -39.71 -0.94
N LYS A 287 -38.35 -38.72 -0.40
CA LYS A 287 -38.92 -37.55 0.24
C LYS A 287 -38.43 -36.31 -0.50
N TYR A 288 -38.85 -35.14 -0.03
CA TYR A 288 -38.36 -33.88 -0.56
C TYR A 288 -38.64 -33.77 -2.05
N PRO A 289 -39.91 -33.51 -2.44
CA PRO A 289 -40.32 -33.62 -3.86
C PRO A 289 -39.35 -33.04 -4.87
N LYS A 290 -39.35 -33.63 -6.07
CA LYS A 290 -38.27 -33.44 -7.04
C LYS A 290 -38.11 -31.99 -7.48
N HIS A 291 -39.14 -31.15 -7.34
CA HIS A 291 -38.98 -29.76 -7.77
C HIS A 291 -37.94 -29.04 -6.94
N LEU A 292 -37.61 -29.56 -5.76
CA LEU A 292 -36.51 -29.06 -4.94
C LEU A 292 -35.20 -29.77 -5.23
N ILE A 293 -35.27 -31.07 -5.57
CA ILE A 293 -34.05 -31.83 -5.74
C ILE A 293 -33.26 -31.30 -6.93
N ALA A 294 -33.95 -30.84 -7.97
CA ALA A 294 -33.24 -30.21 -9.09
C ALA A 294 -32.53 -28.95 -8.64
N ASP A 295 -33.18 -28.15 -7.79
CA ASP A 295 -32.58 -26.92 -7.31
C ASP A 295 -31.32 -27.19 -6.50
N VAL A 296 -31.38 -28.17 -5.59
CA VAL A 296 -30.19 -28.48 -4.81
C VAL A 296 -29.12 -29.12 -5.69
N LYS A 297 -29.51 -29.86 -6.72
CA LYS A 297 -28.53 -30.36 -7.68
C LYS A 297 -27.79 -29.22 -8.36
N ALA A 298 -28.53 -28.20 -8.81
CA ALA A 298 -27.91 -27.07 -9.45
C ALA A 298 -26.96 -26.35 -8.49
N LEU A 299 -27.40 -26.15 -7.25
CA LEU A 299 -26.55 -25.50 -6.26
C LEU A 299 -25.27 -26.29 -6.05
N THR A 300 -25.36 -27.62 -5.94
CA THR A 300 -24.18 -28.43 -5.72
C THR A 300 -23.24 -28.37 -6.92
N ARG A 301 -23.79 -28.38 -8.13
CA ARG A 301 -22.93 -28.32 -9.32
C ARG A 301 -22.20 -26.98 -9.40
N VAL A 302 -22.89 -25.89 -9.11
CA VAL A 302 -22.20 -24.59 -9.16
C VAL A 302 -21.16 -24.51 -8.04
N LEU A 303 -21.47 -25.07 -6.87
CA LEU A 303 -20.49 -25.08 -5.78
C LEU A 303 -19.25 -25.87 -6.18
N PHE A 304 -19.43 -27.03 -6.80
CA PHE A 304 -18.29 -27.80 -7.27
C PHE A 304 -17.52 -27.07 -8.35
N LEU A 305 -18.21 -26.24 -9.13
CA LEU A 305 -17.52 -25.42 -10.11
C LEU A 305 -16.68 -24.33 -9.45
N TYR A 306 -17.18 -23.73 -8.38
CA TYR A 306 -16.49 -22.63 -7.72
C TYR A 306 -15.33 -23.07 -6.83
N ILE A 307 -14.95 -24.36 -6.85
CA ILE A 307 -13.90 -24.83 -5.96
C ILE A 307 -12.55 -24.16 -6.22
N PRO A 308 -12.03 -24.08 -7.45
CA PRO A 308 -10.67 -23.58 -7.64
C PRO A 308 -10.55 -22.08 -7.47
N LEU A 309 -11.66 -21.38 -7.63
CA LEU A 309 -11.63 -19.91 -7.72
C LEU A 309 -10.97 -19.21 -6.53
N PRO A 310 -11.15 -19.63 -5.27
CA PRO A 310 -10.51 -18.90 -4.18
C PRO A 310 -9.01 -18.73 -4.34
N MET A 311 -8.32 -19.74 -4.87
CA MET A 311 -6.89 -19.59 -5.13
C MET A 311 -6.63 -18.47 -6.12
N PHE A 312 -7.47 -18.37 -7.15
CA PHE A 312 -7.33 -17.29 -8.11
C PHE A 312 -7.52 -15.92 -7.45
N TRP A 313 -8.52 -15.81 -6.57
CA TRP A 313 -8.73 -14.54 -5.90
C TRP A 313 -7.54 -14.15 -5.04
N ALA A 314 -6.88 -15.14 -4.43
CA ALA A 314 -5.67 -14.85 -3.66
C ALA A 314 -4.55 -14.39 -4.57
N LEU A 315 -4.32 -15.11 -5.67
CA LEU A 315 -3.21 -14.77 -6.56
C LEU A 315 -3.40 -13.38 -7.17
N LEU A 316 -4.62 -13.06 -7.61
CA LEU A 316 -4.87 -11.74 -8.17
C LEU A 316 -4.75 -10.65 -7.10
N ASP A 317 -5.08 -10.97 -5.85
CA ASP A 317 -5.01 -9.97 -4.80
C ASP A 317 -3.57 -9.54 -4.57
N GLN A 318 -2.63 -10.49 -4.64
CA GLN A 318 -1.22 -10.20 -4.37
C GLN A 318 -0.58 -9.44 -5.53
N GLN A 319 -1.19 -8.30 -5.84
CA GLN A 319 -0.58 -7.30 -6.70
C GLN A 319 -0.74 -5.89 -6.17
N GLY A 320 -1.59 -5.67 -5.16
CA GLY A 320 -1.76 -4.35 -4.61
C GLY A 320 -0.55 -3.82 -3.87
N SER A 321 0.33 -4.70 -3.42
CA SER A 321 1.53 -4.29 -2.71
C SER A 321 2.81 -4.61 -3.46
N ARG A 322 2.91 -5.79 -4.06
CA ARG A 322 4.17 -6.19 -4.70
C ARG A 322 4.45 -5.36 -5.94
N TRP A 323 3.41 -5.05 -6.71
CA TRP A 323 3.57 -4.16 -7.84
C TRP A 323 3.96 -2.75 -7.43
N THR A 324 3.51 -2.29 -6.25
CA THR A 324 3.99 -1.01 -5.75
C THR A 324 5.48 -1.07 -5.43
N LEU A 325 5.94 -2.18 -4.86
CA LEU A 325 7.37 -2.38 -4.66
C LEU A 325 8.11 -2.32 -5.99
N GLN A 326 7.51 -2.88 -7.04
CA GLN A 326 8.09 -2.75 -8.38
C GLN A 326 8.15 -1.29 -8.80
N ALA A 327 7.09 -0.54 -8.56
CA ALA A 327 7.05 0.86 -8.97
C ALA A 327 8.03 1.71 -8.18
N ASN A 328 8.38 1.28 -6.96
CA ASN A 328 9.35 2.02 -6.17
C ASN A 328 10.72 2.08 -6.82
N LYS A 329 11.02 1.21 -7.77
CA LYS A 329 12.35 1.04 -8.31
C LYS A 329 12.44 1.54 -9.75
N MET A 330 11.70 2.60 -10.08
CA MET A 330 11.70 3.08 -11.45
C MET A 330 11.30 4.55 -11.50
N ASN A 331 11.67 5.20 -12.60
CA ASN A 331 11.45 6.63 -12.76
C ASN A 331 9.97 6.94 -12.82
N GLY A 332 9.60 8.14 -12.36
CA GLY A 332 8.20 8.51 -12.33
C GLY A 332 7.86 9.95 -12.65
N ASP A 333 8.84 10.75 -13.06
CA ASP A 333 8.58 12.17 -13.29
C ASP A 333 7.62 12.41 -14.45
N LEU A 334 7.81 11.72 -15.57
CA LEU A 334 6.93 11.77 -16.73
C LEU A 334 6.97 13.11 -17.45
N GLY A 335 7.71 14.08 -16.90
CA GLY A 335 7.85 15.36 -17.55
C GLY A 335 6.68 16.29 -17.38
N PHE A 336 5.51 15.75 -17.01
CA PHE A 336 4.31 16.55 -16.82
C PHE A 336 3.92 16.61 -15.35
N PHE A 337 3.73 15.48 -14.69
CA PHE A 337 3.42 15.44 -13.26
C PHE A 337 4.24 14.33 -12.61
N VAL A 338 5.07 14.73 -11.63
CA VAL A 338 5.84 13.74 -10.88
C VAL A 338 4.89 12.85 -10.10
N LEU A 339 4.82 11.59 -10.48
CA LEU A 339 3.84 10.66 -9.93
C LEU A 339 4.50 9.78 -8.87
N GLN A 340 3.98 9.86 -7.65
CA GLN A 340 4.51 9.03 -6.58
C GLN A 340 4.13 7.57 -6.81
N PRO A 341 4.98 6.62 -6.44
CA PRO A 341 4.65 5.20 -6.67
C PRO A 341 3.37 4.76 -5.98
N ASP A 342 3.06 5.34 -4.82
CA ASP A 342 1.85 4.94 -4.10
C ASP A 342 0.60 5.27 -4.90
N GLN A 343 0.58 6.42 -5.57
CA GLN A 343 -0.59 6.83 -6.33
C GLN A 343 -0.90 5.91 -7.49
N MET A 344 0.08 5.12 -7.94
CA MET A 344 -0.12 4.24 -9.09
C MET A 344 -1.34 3.36 -8.91
N GLN A 345 -1.64 2.99 -7.66
CA GLN A 345 -2.78 2.13 -7.36
C GLN A 345 -4.07 2.65 -7.95
N VAL A 346 -4.28 3.96 -7.92
CA VAL A 346 -5.59 4.48 -8.31
C VAL A 346 -5.82 4.25 -9.79
N LEU A 347 -4.77 3.92 -10.56
CA LEU A 347 -4.98 3.65 -11.97
C LEU A 347 -5.80 2.38 -12.17
N ASN A 348 -5.80 1.48 -11.19
CA ASN A 348 -6.56 0.23 -11.36
C ASN A 348 -8.06 0.46 -11.52
N PRO A 349 -8.76 1.14 -10.60
CA PRO A 349 -10.20 1.37 -10.82
C PRO A 349 -10.49 2.19 -12.06
N PHE A 350 -9.59 3.11 -12.40
CA PHE A 350 -9.80 3.97 -13.57
C PHE A 350 -9.86 3.12 -14.83
N LEU A 351 -8.98 2.13 -14.95
CA LEU A 351 -9.07 1.24 -16.09
C LEU A 351 -10.38 0.46 -16.11
N VAL A 352 -10.91 0.09 -14.95
CA VAL A 352 -12.20 -0.59 -14.95
C VAL A 352 -13.28 0.34 -15.50
N LEU A 353 -13.28 1.58 -15.03
CA LEU A 353 -14.25 2.55 -15.54
C LEU A 353 -14.08 2.82 -17.02
N ILE A 354 -12.89 2.63 -17.58
CA ILE A 354 -12.68 2.91 -19.01
C ILE A 354 -12.87 1.68 -19.89
N PHE A 355 -12.74 0.47 -19.36
CA PHE A 355 -12.96 -0.74 -20.15
C PHE A 355 -14.35 -1.33 -20.04
N ILE A 356 -15.07 -1.18 -18.91
CA ILE A 356 -16.43 -1.73 -18.84
C ILE A 356 -17.29 -1.22 -19.99
N PRO A 357 -17.45 0.09 -20.22
CA PRO A 357 -18.20 0.51 -21.41
C PRO A 357 -17.48 0.22 -22.69
N LEU A 358 -16.15 0.07 -22.65
CA LEU A 358 -15.43 -0.38 -23.83
C LEU A 358 -15.75 -1.83 -24.15
N PHE A 359 -15.52 -2.72 -23.18
CA PHE A 359 -15.82 -4.13 -23.40
C PHE A 359 -17.27 -4.34 -23.82
N ASP A 360 -18.21 -4.02 -22.93
CA ASP A 360 -19.58 -4.45 -23.11
C ASP A 360 -20.26 -3.79 -24.30
N LEU A 361 -19.70 -2.73 -24.86
CA LEU A 361 -20.32 -2.06 -25.99
C LEU A 361 -19.51 -2.17 -27.28
N VAL A 362 -18.29 -2.70 -27.23
CA VAL A 362 -17.51 -2.86 -28.46
C VAL A 362 -17.08 -4.30 -28.62
N ILE A 363 -16.33 -4.82 -27.65
CA ILE A 363 -15.62 -6.07 -27.86
C ILE A 363 -16.59 -7.24 -27.90
N TYR A 364 -17.57 -7.24 -26.99
CA TYR A 364 -18.52 -8.34 -26.94
C TYR A 364 -19.34 -8.41 -28.21
N ARG A 365 -19.76 -7.26 -28.74
CA ARG A 365 -20.46 -7.28 -30.03
C ARG A 365 -19.52 -7.77 -31.13
N LEU A 366 -18.30 -7.24 -31.18
CA LEU A 366 -17.39 -7.62 -32.24
C LEU A 366 -17.11 -9.12 -32.23
N ILE A 367 -17.20 -9.74 -31.05
CA ILE A 367 -17.16 -11.20 -30.99
C ILE A 367 -18.39 -11.79 -31.68
N SER A 368 -19.56 -11.22 -31.42
CA SER A 368 -20.80 -11.75 -31.96
C SER A 368 -20.89 -11.63 -33.48
N LYS A 369 -19.87 -11.09 -34.15
CA LYS A 369 -19.91 -11.00 -35.60
C LYS A 369 -19.95 -12.39 -36.24
N CYS A 370 -19.48 -13.42 -35.53
CA CYS A 370 -19.46 -14.77 -36.07
C CYS A 370 -19.83 -15.81 -35.01
N ARG A 371 -19.54 -17.08 -35.28
CA ARG A 371 -19.97 -18.21 -34.46
C ARG A 371 -19.27 -18.28 -33.10
N ILE A 372 -18.44 -17.31 -32.74
CA ILE A 372 -17.76 -17.34 -31.44
C ILE A 372 -18.80 -17.31 -30.34
N ASN A 373 -18.94 -18.42 -29.63
CA ASN A 373 -20.01 -18.58 -28.65
C ASN A 373 -19.47 -18.53 -27.22
N PHE A 374 -19.33 -17.31 -26.71
CA PHE A 374 -19.06 -17.13 -25.29
C PHE A 374 -20.24 -17.59 -24.45
N SER A 375 -20.07 -18.69 -23.72
CA SER A 375 -21.12 -19.22 -22.87
C SER A 375 -20.98 -18.75 -21.43
N SER A 376 -20.43 -17.55 -21.23
CA SER A 376 -20.21 -16.96 -19.92
C SER A 376 -19.31 -17.82 -19.03
N LEU A 377 -18.74 -18.87 -19.58
CA LEU A 377 -17.70 -19.66 -18.92
C LEU A 377 -16.38 -19.58 -19.66
N ARG A 378 -16.42 -19.63 -21.00
CA ARG A 378 -15.24 -19.29 -21.79
C ARG A 378 -14.77 -17.89 -21.44
N LYS A 379 -15.70 -16.99 -21.14
CA LYS A 379 -15.33 -15.63 -20.75
C LYS A 379 -14.53 -15.63 -19.45
N MET A 380 -14.97 -16.40 -18.45
CA MET A 380 -14.22 -16.45 -17.21
C MET A 380 -12.88 -17.13 -17.39
N ALA A 381 -12.83 -18.19 -18.20
CA ALA A 381 -11.56 -18.86 -18.47
C ALA A 381 -10.58 -17.92 -19.16
N VAL A 382 -11.03 -17.15 -20.14
CA VAL A 382 -10.13 -16.25 -20.82
C VAL A 382 -9.72 -15.11 -19.88
N GLY A 383 -10.61 -14.70 -18.99
CA GLY A 383 -10.18 -13.73 -17.97
C GLY A 383 -9.07 -14.27 -17.11
N MET A 384 -9.18 -15.53 -16.73
CA MET A 384 -8.11 -16.18 -15.97
C MET A 384 -6.81 -16.19 -16.78
N ILE A 385 -6.92 -16.46 -18.08
CA ILE A 385 -5.74 -16.51 -18.94
C ILE A 385 -5.08 -15.15 -19.02
N LEU A 386 -5.86 -14.08 -19.20
CA LEU A 386 -5.26 -12.75 -19.21
C LEU A 386 -4.64 -12.39 -17.87
N ALA A 387 -5.22 -12.86 -16.76
CA ALA A 387 -4.58 -12.61 -15.48
C ALA A 387 -3.20 -13.28 -15.43
N CYS A 388 -3.11 -14.52 -15.90
CA CYS A 388 -1.82 -15.20 -15.95
C CYS A 388 -0.83 -14.46 -16.84
N LEU A 389 -1.30 -14.01 -18.00
CA LEU A 389 -0.44 -13.26 -18.91
C LEU A 389 0.03 -11.96 -18.26
N ALA A 390 -0.84 -11.32 -17.49
CA ALA A 390 -0.47 -10.09 -16.82
C ALA A 390 0.65 -10.33 -15.83
N PHE A 391 0.54 -11.39 -15.03
CA PHE A 391 1.62 -11.64 -14.08
C PHE A 391 2.90 -12.08 -14.78
N ALA A 392 2.79 -12.76 -15.92
CA ALA A 392 3.99 -13.07 -16.69
C ALA A 392 4.67 -11.80 -17.20
N VAL A 393 3.86 -10.83 -17.67
CA VAL A 393 4.43 -9.56 -18.10
C VAL A 393 5.08 -8.83 -16.94
N ALA A 394 4.48 -8.94 -15.75
CA ALA A 394 5.09 -8.35 -14.58
C ALA A 394 6.46 -8.96 -14.30
N ALA A 395 6.56 -10.29 -14.43
CA ALA A 395 7.85 -10.94 -14.25
C ALA A 395 8.86 -10.46 -15.30
N LEU A 396 8.42 -10.29 -16.54
CA LEU A 396 9.31 -9.76 -17.57
C LEU A 396 9.79 -8.36 -17.21
N VAL A 397 8.90 -7.52 -16.71
CA VAL A 397 9.27 -6.17 -16.30
C VAL A 397 10.31 -6.23 -15.19
N GLU A 398 10.12 -7.11 -14.21
CA GLU A 398 11.13 -7.29 -13.18
C GLU A 398 12.47 -7.67 -13.78
N THR A 399 12.49 -8.67 -14.65
CA THR A 399 13.75 -9.10 -15.23
C THR A 399 14.41 -7.98 -16.03
N LYS A 400 13.61 -7.05 -16.55
CA LYS A 400 14.20 -5.92 -17.24
C LYS A 400 14.75 -4.87 -16.28
N ILE A 401 14.07 -4.65 -15.15
CA ILE A 401 14.52 -3.64 -14.20
C ILE A 401 15.88 -4.01 -13.62
N ASN A 402 16.07 -5.28 -13.29
CA ASN A 402 17.33 -5.69 -12.67
C ASN A 402 18.52 -5.56 -13.61
N GLY A 403 18.33 -5.06 -14.82
CA GLY A 403 19.43 -4.90 -15.76
C GLY A 403 20.01 -3.51 -15.79
N MET A 404 19.80 -2.71 -14.75
CA MET A 404 20.33 -1.36 -14.71
C MET A 404 21.84 -1.37 -14.57
N ILE A 405 22.50 -0.56 -15.39
CA ILE A 405 23.94 -0.31 -15.27
C ILE A 405 24.19 1.16 -15.55
N HIS A 406 25.13 1.75 -14.77
CA HIS A 406 25.30 3.13 -15.19
C HIS A 406 26.28 3.20 -16.36
N PRO A 407 26.19 4.24 -17.22
CA PRO A 407 26.86 4.17 -18.53
C PRO A 407 28.36 3.96 -18.46
N GLN A 408 28.82 2.82 -18.94
CA GLN A 408 30.24 2.49 -18.91
C GLN A 408 31.00 3.30 -19.95
N PRO A 409 32.27 3.60 -19.70
CA PRO A 409 33.04 4.39 -20.67
C PRO A 409 33.81 3.54 -21.67
N ALA A 410 33.84 3.99 -22.93
CA ALA A 410 34.73 3.40 -23.93
C ALA A 410 35.99 4.26 -24.02
N SER A 411 36.87 3.94 -24.96
CA SER A 411 38.12 4.68 -25.10
C SER A 411 37.84 6.14 -25.48
N GLN A 412 38.70 7.03 -24.98
CA GLN A 412 38.55 8.47 -25.16
C GLN A 412 37.15 8.92 -24.76
N GLU A 413 36.82 8.71 -23.48
CA GLU A 413 35.52 9.08 -22.97
C GLU A 413 35.60 9.14 -21.44
N ILE A 414 35.36 10.32 -20.88
CA ILE A 414 35.28 10.51 -19.43
C ILE A 414 33.96 11.21 -19.09
N PHE A 415 33.26 10.70 -18.08
CA PHE A 415 31.96 11.21 -17.68
C PHE A 415 32.17 12.31 -16.64
N LEU A 416 31.71 13.52 -16.95
CA LEU A 416 31.88 14.67 -16.08
C LEU A 416 30.53 15.14 -15.55
N GLN A 417 30.54 15.75 -14.37
CA GLN A 417 29.32 16.26 -13.74
C GLN A 417 29.71 17.37 -12.78
N VAL A 418 29.36 18.61 -13.13
CA VAL A 418 29.78 19.79 -12.39
C VAL A 418 28.65 20.23 -11.47
N LEU A 419 28.98 20.48 -10.21
CA LEU A 419 28.04 21.02 -9.23
C LEU A 419 28.50 22.40 -8.81
N ASN A 420 27.54 23.32 -8.68
CA ASN A 420 27.83 24.72 -8.38
C ASN A 420 27.35 25.07 -6.98
N LEU A 421 28.20 25.79 -6.24
CA LEU A 421 27.86 26.26 -4.90
C LEU A 421 28.26 27.72 -4.70
N ALA A 422 28.70 28.41 -5.74
CA ALA A 422 28.89 29.85 -5.64
C ALA A 422 27.54 30.54 -5.50
N ASP A 423 27.51 31.63 -4.74
CA ASP A 423 26.23 32.30 -4.48
C ASP A 423 25.59 32.81 -5.76
N GLY A 424 26.37 33.37 -6.68
CA GLY A 424 25.88 33.79 -7.97
C GLY A 424 25.83 32.66 -8.98
N ASP A 425 25.91 33.03 -10.25
CA ASP A 425 25.90 32.08 -11.35
C ASP A 425 27.26 32.05 -12.04
N VAL A 426 27.67 30.85 -12.45
CA VAL A 426 29.04 30.61 -12.88
C VAL A 426 29.04 30.09 -14.32
N LYS A 427 30.16 30.30 -15.00
CA LYS A 427 30.35 29.95 -16.40
C LYS A 427 31.41 28.85 -16.46
N VAL A 428 31.02 27.65 -16.89
CA VAL A 428 31.88 26.48 -16.86
C VAL A 428 32.40 26.19 -18.26
N THR A 429 33.73 26.06 -18.38
CA THR A 429 34.35 25.72 -19.66
C THR A 429 35.51 24.77 -19.41
N VAL A 430 35.60 23.72 -20.23
CA VAL A 430 36.71 22.77 -20.20
C VAL A 430 37.36 22.78 -21.57
N LEU A 431 38.69 22.75 -21.60
CA LEU A 431 39.42 22.98 -22.84
C LEU A 431 40.68 22.14 -22.86
N GLY A 432 41.43 22.28 -23.95
CA GLY A 432 42.60 21.46 -24.19
C GLY A 432 43.92 22.19 -24.21
N SER A 433 44.73 21.92 -25.23
CA SER A 433 46.13 22.38 -25.22
C SER A 433 46.22 23.90 -25.36
N ARG A 434 45.35 24.51 -26.18
CA ARG A 434 45.55 25.86 -26.68
C ARG A 434 44.29 26.71 -26.58
N ASN A 435 43.49 26.49 -25.53
CA ASN A 435 42.10 26.95 -25.48
C ASN A 435 41.27 26.22 -26.53
N ASN A 436 41.38 24.88 -26.50
CA ASN A 436 40.81 24.01 -27.52
C ASN A 436 39.58 23.29 -26.98
N SER A 437 38.48 23.38 -27.72
CA SER A 437 37.16 23.09 -27.16
C SER A 437 37.08 21.66 -26.66
N LEU A 438 36.59 21.51 -25.43
CA LEU A 438 36.23 20.21 -24.90
C LEU A 438 34.83 20.26 -24.31
N LEU A 439 34.50 21.37 -23.66
CA LEU A 439 33.21 21.55 -23.02
C LEU A 439 32.93 23.02 -22.76
N VAL A 440 31.74 23.47 -23.13
CA VAL A 440 31.20 24.75 -22.71
C VAL A 440 29.84 24.50 -22.08
N GLU A 441 29.55 25.18 -20.98
CA GLU A 441 28.28 24.98 -20.28
C GLU A 441 28.10 26.09 -19.26
N SER A 442 26.88 26.60 -19.17
CA SER A 442 26.52 27.62 -18.20
C SER A 442 25.77 26.94 -17.06
N VAL A 443 26.39 26.88 -15.88
CA VAL A 443 25.82 26.23 -14.70
C VAL A 443 25.28 27.30 -13.77
N SER A 444 24.03 27.13 -13.34
CA SER A 444 23.36 28.11 -12.49
C SER A 444 23.82 27.93 -11.04
N SER A 445 23.16 28.64 -10.13
CA SER A 445 23.54 28.65 -8.72
C SER A 445 22.97 27.40 -8.04
N PHE A 446 22.94 27.41 -6.71
CA PHE A 446 22.64 26.26 -5.88
C PHE A 446 21.46 25.47 -6.42
N GLN A 447 21.72 24.24 -6.82
CA GLN A 447 20.69 23.33 -7.32
C GLN A 447 21.17 21.91 -7.05
N ASN A 448 20.50 20.95 -7.65
CA ASN A 448 20.99 19.58 -7.74
C ASN A 448 21.40 19.33 -9.18
N THR A 449 21.81 18.10 -9.49
CA THR A 449 22.18 17.76 -10.84
C THR A 449 22.15 16.25 -11.01
N THR A 450 21.75 15.80 -12.19
CA THR A 450 21.75 14.38 -12.49
C THR A 450 22.32 14.10 -13.89
N HIS A 451 22.54 15.12 -14.70
CA HIS A 451 23.01 14.92 -16.07
C HIS A 451 24.51 14.66 -16.06
N TYR A 452 25.10 14.60 -17.24
CA TYR A 452 26.53 14.42 -17.43
C TYR A 452 26.84 14.79 -18.88
N SER A 453 28.05 14.51 -19.32
CA SER A 453 28.43 14.83 -20.69
C SER A 453 29.68 14.04 -21.06
N LYS A 454 29.65 13.45 -22.25
CA LYS A 454 30.69 12.53 -22.71
C LYS A 454 31.85 13.35 -23.28
N LEU A 455 32.69 13.83 -22.37
CA LEU A 455 33.81 14.69 -22.76
C LEU A 455 34.80 13.90 -23.59
N HIS A 456 34.80 14.15 -24.90
CA HIS A 456 35.65 13.40 -25.82
C HIS A 456 37.08 13.85 -25.59
N LEU A 457 37.79 13.13 -24.72
CA LEU A 457 39.17 13.46 -24.45
C LEU A 457 40.01 13.14 -25.70
N GLU A 458 41.29 13.47 -25.65
CA GLU A 458 42.09 13.50 -26.86
C GLU A 458 43.33 12.62 -26.83
N ALA A 459 43.92 12.37 -25.66
CA ALA A 459 45.14 11.59 -25.56
C ALA A 459 45.02 10.64 -24.38
N LYS A 460 46.13 9.95 -24.07
CA LYS A 460 46.14 9.00 -22.96
C LYS A 460 45.80 9.68 -21.64
N SER A 461 46.16 10.94 -21.49
CA SER A 461 45.75 11.77 -20.36
C SER A 461 45.98 13.21 -20.75
N GLN A 462 44.99 14.04 -20.44
CA GLN A 462 45.04 15.44 -20.81
C GLN A 462 44.94 16.29 -19.56
N ASP A 463 45.97 17.10 -19.32
CA ASP A 463 45.92 18.03 -18.21
C ASP A 463 44.89 19.08 -18.58
N LEU A 464 43.65 18.82 -18.14
CA LEU A 464 42.53 19.69 -18.50
C LEU A 464 42.77 21.11 -18.05
N HIS A 465 42.58 22.06 -18.96
CA HIS A 465 42.55 23.47 -18.59
C HIS A 465 41.09 23.84 -18.33
N PHE A 466 40.78 24.18 -17.08
CA PHE A 466 39.44 24.61 -16.72
C PHE A 466 39.35 26.12 -16.93
N HIS A 467 38.24 26.57 -17.51
CA HIS A 467 37.96 27.99 -17.63
C HIS A 467 36.65 28.27 -16.92
N LEU A 468 36.75 28.77 -15.69
CA LEU A 468 35.59 29.19 -14.92
C LEU A 468 35.59 30.71 -14.87
N LYS A 469 34.45 31.31 -15.20
CA LYS A 469 34.27 32.75 -15.09
C LYS A 469 33.06 33.02 -14.21
N TYR A 470 33.26 33.89 -13.22
CA TYR A 470 32.28 34.13 -12.17
C TYR A 470 32.59 35.47 -11.53
N ASN A 471 31.57 36.29 -11.33
CA ASN A 471 31.73 37.62 -10.76
C ASN A 471 32.76 38.42 -11.55
N SER A 472 32.74 38.22 -12.88
CA SER A 472 33.72 38.85 -13.77
C SER A 472 35.14 38.57 -13.33
N LEU A 473 35.45 37.31 -13.02
CA LEU A 473 36.78 36.89 -12.63
C LEU A 473 37.26 35.77 -13.55
N SER A 474 38.56 35.71 -13.80
CA SER A 474 39.18 34.76 -14.71
C SER A 474 40.07 33.81 -13.93
N VAL A 475 39.61 32.58 -13.73
CA VAL A 475 40.34 31.57 -12.98
C VAL A 475 40.52 30.34 -13.85
N HIS A 476 41.75 29.82 -13.90
CA HIS A 476 42.12 28.68 -14.74
C HIS A 476 43.06 27.77 -13.96
N ASN A 477 42.59 26.56 -13.65
CA ASN A 477 43.42 25.57 -12.97
C ASN A 477 43.42 24.27 -13.77
N ASP A 478 44.38 23.41 -13.46
CA ASP A 478 44.58 22.15 -14.18
C ASP A 478 44.44 20.98 -13.23
N HIS A 479 43.57 20.04 -13.58
CA HIS A 479 43.40 18.79 -12.86
C HIS A 479 43.71 17.64 -13.81
N SER A 480 44.88 17.02 -13.63
CA SER A 480 45.27 15.90 -14.49
C SER A 480 44.33 14.72 -14.24
N VAL A 481 43.80 14.16 -15.32
CA VAL A 481 42.80 13.11 -15.21
C VAL A 481 43.20 11.91 -16.05
N GLU A 482 42.75 10.74 -15.61
CA GLU A 482 42.92 9.50 -16.34
C GLU A 482 41.66 9.19 -17.13
N GLU A 483 41.83 8.48 -18.23
CA GLU A 483 40.76 8.28 -19.18
C GLU A 483 39.89 7.09 -18.80
N LYS A 484 38.64 7.13 -19.26
CA LYS A 484 37.66 6.07 -19.05
C LYS A 484 37.31 5.93 -17.57
N ASN A 485 36.97 7.06 -16.96
CA ASN A 485 36.53 7.09 -15.56
C ASN A 485 35.39 8.08 -15.45
N CYS A 486 35.00 8.40 -14.22
CA CYS A 486 33.95 9.37 -13.95
C CYS A 486 34.49 10.43 -13.00
N TYR A 487 34.29 11.69 -13.34
CA TYR A 487 34.84 12.80 -12.56
C TYR A 487 33.74 13.80 -12.26
N GLN A 488 33.90 14.51 -11.14
CA GLN A 488 32.95 15.52 -10.70
C GLN A 488 33.69 16.77 -10.26
N LEU A 489 33.04 17.93 -10.45
CA LEU A 489 33.57 19.21 -10.03
C LEU A 489 32.69 19.82 -8.95
N LEU A 490 33.31 20.58 -8.06
CA LEU A 490 32.63 21.42 -7.09
C LEU A 490 33.06 22.86 -7.30
N ILE A 491 32.09 23.73 -7.56
CA ILE A 491 32.34 25.16 -7.65
C ILE A 491 31.99 25.75 -6.29
N HIS A 492 32.99 26.30 -5.60
CA HIS A 492 32.80 26.74 -4.23
C HIS A 492 33.32 28.16 -4.04
N GLN A 493 32.67 28.87 -3.12
CA GLN A 493 32.92 30.29 -2.88
C GLN A 493 34.20 30.46 -2.09
N ASP A 494 35.30 30.74 -2.78
CA ASP A 494 36.56 31.07 -2.14
C ASP A 494 36.56 32.58 -1.85
N GLY A 495 35.60 32.99 -1.04
CA GLY A 495 35.45 34.41 -0.74
C GLY A 495 35.02 35.18 -1.97
N GLU A 496 35.86 36.13 -2.38
CA GLU A 496 35.57 36.91 -3.57
C GLU A 496 35.59 36.05 -4.83
N SER A 497 36.55 35.15 -4.94
CA SER A 497 36.73 34.31 -6.11
C SER A 497 36.21 32.91 -5.83
N ILE A 498 36.45 31.97 -6.75
CA ILE A 498 36.03 30.59 -6.60
C ILE A 498 37.17 29.68 -7.02
N SER A 499 36.99 28.39 -6.73
CA SER A 499 37.97 27.37 -7.10
C SER A 499 37.23 26.11 -7.53
N SER A 500 37.96 25.22 -8.20
CA SER A 500 37.38 23.98 -8.71
C SER A 500 38.02 22.79 -7.99
N MET A 501 37.18 21.96 -7.40
CA MET A 501 37.61 20.73 -6.77
C MET A 501 37.18 19.55 -7.63
N LEU A 502 38.11 18.65 -7.90
CA LEU A 502 37.87 17.51 -8.78
C LEU A 502 37.79 16.23 -7.95
N VAL A 503 36.72 15.45 -8.16
CA VAL A 503 36.51 14.21 -7.45
C VAL A 503 36.39 13.09 -8.46
N LYS A 504 37.18 12.04 -8.29
CA LYS A 504 37.20 10.90 -9.20
C LYS A 504 36.40 9.76 -8.59
N ASP A 505 35.32 9.38 -9.26
CA ASP A 505 34.46 8.30 -8.79
C ASP A 505 35.07 6.95 -9.16
N THR A 506 35.04 6.02 -8.22
CA THR A 506 35.35 4.62 -8.51
C THR A 506 34.03 3.87 -8.67
N GLY A 507 33.82 3.31 -9.85
CA GLY A 507 32.51 2.78 -10.20
C GLY A 507 32.13 1.52 -9.44
N ILE A 508 32.12 1.60 -8.12
CA ILE A 508 31.67 0.49 -7.29
C ILE A 508 30.14 0.45 -7.36
N LYS A 509 29.61 -0.55 -8.04
CA LYS A 509 28.17 -0.69 -8.12
C LYS A 509 27.62 -1.28 -6.83
N PRO A 510 26.42 -0.88 -6.43
CA PRO A 510 25.81 -1.44 -5.22
C PRO A 510 25.08 -2.73 -5.53
N ALA A 511 24.77 -3.48 -4.47
CA ALA A 511 24.05 -4.73 -4.63
C ALA A 511 22.61 -4.47 -5.04
N ASN A 512 21.95 -5.54 -5.49
CA ASN A 512 20.60 -5.42 -6.05
C ASN A 512 19.64 -4.85 -5.02
N GLY A 513 18.82 -3.90 -5.47
CA GLY A 513 17.84 -3.26 -4.58
C GLY A 513 18.48 -2.48 -3.45
N MET A 514 19.59 -1.81 -3.71
CA MET A 514 20.31 -1.07 -2.68
C MET A 514 21.27 -0.10 -3.35
N ALA A 515 21.55 1.01 -2.67
CA ALA A 515 22.28 2.12 -3.25
C ALA A 515 23.55 2.42 -2.45
N ALA A 516 24.40 3.26 -3.04
CA ALA A 516 25.66 3.67 -2.42
C ALA A 516 25.75 5.19 -2.40
N ILE A 517 26.39 5.73 -1.36
CA ILE A 517 26.51 7.17 -1.18
C ILE A 517 27.94 7.50 -0.79
N ARG A 518 28.35 8.74 -1.07
CA ARG A 518 29.58 9.31 -0.55
C ARG A 518 29.32 10.78 -0.28
N PHE A 519 30.15 11.37 0.58
CA PHE A 519 29.90 12.72 1.07
C PHE A 519 31.09 13.62 0.85
N ILE A 520 30.82 14.91 0.67
CA ILE A 520 31.82 15.96 0.67
C ILE A 520 31.49 16.91 1.81
N ASN A 521 32.49 17.27 2.59
CA ASN A 521 32.34 18.15 3.73
C ASN A 521 32.88 19.53 3.39
N THR A 522 32.22 20.58 3.89
CA THR A 522 32.70 21.94 3.74
C THR A 522 32.87 22.64 5.08
N LEU A 523 32.79 21.92 6.19
CA LEU A 523 32.87 22.52 7.52
C LEU A 523 34.33 22.66 7.95
N HIS A 524 34.51 23.23 9.14
CA HIS A 524 35.82 23.40 9.73
C HIS A 524 36.21 22.25 10.65
N LYS A 525 35.31 21.32 10.92
CA LYS A 525 35.57 20.19 11.79
C LYS A 525 35.20 18.89 11.07
N ASP A 526 35.83 17.81 11.49
CA ASP A 526 35.50 16.51 10.93
C ASP A 526 34.14 16.05 11.43
N LEU A 527 33.36 15.47 10.55
CA LEU A 527 32.00 15.04 10.86
C LEU A 527 31.93 13.53 11.00
N ASN A 528 30.73 13.05 11.32
CA ASN A 528 30.43 11.62 11.34
C ASN A 528 28.96 11.47 10.99
N ILE A 529 28.67 10.92 9.82
CA ILE A 529 27.29 10.84 9.36
C ILE A 529 26.94 9.37 9.21
N SER A 530 26.35 8.80 10.25
CA SER A 530 26.14 7.35 10.32
C SER A 530 24.74 6.99 9.85
N LEU A 531 24.58 6.93 8.53
CA LEU A 531 23.36 6.37 7.95
C LEU A 531 23.21 4.90 8.35
N ASP A 532 24.27 4.13 8.18
CA ASP A 532 24.23 2.70 8.42
C ASP A 532 24.20 2.40 9.92
N THR A 533 23.95 1.14 10.24
CA THR A 533 23.81 0.73 11.63
C THR A 533 25.14 0.79 12.39
N ASP A 534 26.17 0.11 11.89
CA ASP A 534 27.34 -0.15 12.72
C ASP A 534 28.47 0.86 12.50
N ALA A 535 28.92 0.99 11.26
CA ALA A 535 30.14 1.76 11.02
C ALA A 535 29.82 3.25 11.00
N PRO A 536 30.45 4.03 11.86
CA PRO A 536 30.31 5.48 11.79
C PRO A 536 31.15 6.08 10.68
N LEU A 537 30.51 6.47 9.58
CA LEU A 537 31.24 7.06 8.47
C LEU A 537 31.86 8.38 8.90
N SER A 538 33.05 8.66 8.38
CA SER A 538 33.77 9.88 8.71
C SER A 538 34.11 10.66 7.45
N VAL A 539 34.29 11.96 7.63
CA VAL A 539 34.68 12.86 6.55
C VAL A 539 35.75 13.81 7.06
N GLY A 540 36.23 14.69 6.17
CA GLY A 540 37.29 15.60 6.50
C GLY A 540 36.91 17.06 6.31
N LYS A 541 37.61 17.92 7.04
CA LYS A 541 37.32 19.35 7.05
C LYS A 541 37.93 20.04 5.84
N ASP A 542 37.43 21.24 5.55
CA ASP A 542 37.94 22.11 4.49
C ASP A 542 37.97 21.39 3.14
N TYR A 543 36.77 21.03 2.68
CA TYR A 543 36.57 20.34 1.41
C TYR A 543 37.32 19.01 1.38
N GLY A 544 36.91 18.12 2.28
CA GLY A 544 37.42 16.77 2.30
C GLY A 544 36.53 15.81 1.52
N VAL A 545 36.94 14.55 1.49
CA VAL A 545 36.24 13.52 0.75
C VAL A 545 35.93 12.37 1.68
N SER A 546 34.73 11.82 1.58
CA SER A 546 34.38 10.61 2.31
C SER A 546 34.67 9.38 1.45
N ALA A 547 34.38 8.21 2.02
CA ALA A 547 34.48 6.95 1.30
C ALA A 547 33.08 6.39 1.07
N TYR A 548 32.93 5.63 -0.01
CA TYR A 548 31.61 5.13 -0.37
C TYR A 548 31.03 4.27 0.74
N ARG A 549 29.76 4.50 1.04
CA ARG A 549 29.01 3.67 1.98
C ARG A 549 27.78 3.15 1.26
N THR A 550 27.44 1.90 1.51
CA THR A 550 26.35 1.24 0.81
C THR A 550 25.19 1.07 1.78
N VAL A 551 24.15 1.89 1.60
CA VAL A 551 23.01 1.91 2.50
C VAL A 551 21.79 1.41 1.76
N LEU A 552 20.82 0.92 2.53
CA LEU A 552 19.58 0.41 1.96
C LEU A 552 18.83 1.52 1.23
N ARG A 553 18.24 1.17 0.09
CA ARG A 553 17.48 2.15 -0.67
C ARG A 553 16.21 2.55 0.09
N GLY A 554 15.82 3.79 -0.06
CA GLY A 554 14.63 4.29 0.59
C GLY A 554 14.73 5.79 0.82
N LYS A 555 13.88 6.28 1.71
CA LYS A 555 13.82 7.70 2.05
C LYS A 555 14.44 7.90 3.43
N TYR A 556 15.45 8.76 3.51
CA TYR A 556 16.12 9.05 4.77
C TYR A 556 15.82 10.50 5.15
N PRO A 557 14.89 10.74 6.07
CA PRO A 557 14.53 12.12 6.40
C PRO A 557 15.52 12.80 7.33
N ALA A 558 16.20 12.05 8.20
CA ALA A 558 17.13 12.64 9.14
C ALA A 558 18.18 11.60 9.50
N VAL A 559 19.45 12.00 9.43
CA VAL A 559 20.57 11.13 9.74
C VAL A 559 21.42 11.80 10.81
N HIS A 560 21.89 11.00 11.76
CA HIS A 560 22.75 11.53 12.81
C HIS A 560 24.04 12.06 12.22
N CYS A 561 24.44 13.25 12.64
CA CYS A 561 25.64 13.90 12.13
C CYS A 561 26.30 14.64 13.29
N GLU A 562 27.30 14.03 13.91
CA GLU A 562 27.94 14.59 15.09
C GLU A 562 29.29 15.17 14.71
N THR A 563 29.46 16.47 14.94
CA THR A 563 30.73 17.15 14.77
C THR A 563 31.48 17.13 16.10
N GLU A 564 32.52 17.96 16.19
CA GLU A 564 33.24 18.11 17.46
C GLU A 564 32.29 18.54 18.57
N ASP A 565 31.36 19.46 18.27
CA ASP A 565 30.48 20.00 19.29
C ASP A 565 29.00 19.69 19.04
N LYS A 566 28.49 20.02 17.85
CA LYS A 566 27.06 20.06 17.63
C LYS A 566 26.56 18.79 16.94
N VAL A 567 25.33 18.40 17.27
CA VAL A 567 24.65 17.29 16.63
C VAL A 567 23.44 17.82 15.88
N PHE A 568 23.19 17.29 14.69
CA PHE A 568 22.09 17.78 13.87
C PHE A 568 21.64 16.67 12.93
N SER A 569 20.80 17.02 11.97
CA SER A 569 20.27 16.07 11.00
C SER A 569 19.96 16.83 9.72
N LEU A 570 19.82 16.08 8.62
CA LEU A 570 19.63 16.68 7.31
C LEU A 570 18.57 15.91 6.53
N ASP A 571 17.90 16.61 5.62
CA ASP A 571 16.82 16.04 4.82
C ASP A 571 17.38 15.41 3.55
N LEU A 572 17.95 14.21 3.70
CA LEU A 572 18.52 13.51 2.55
C LEU A 572 17.45 13.15 1.54
N GLY A 573 16.21 12.96 1.98
CA GLY A 573 15.12 12.69 1.07
C GLY A 573 15.14 11.27 0.52
N GLN A 574 14.66 11.13 -0.71
CA GLN A 574 14.57 9.83 -1.36
C GLN A 574 15.92 9.39 -1.90
N LEU A 575 16.17 8.08 -1.84
CA LEU A 575 17.41 7.49 -2.34
C LEU A 575 17.04 6.25 -3.14
N ASP A 576 17.00 6.37 -4.46
CA ASP A 576 16.72 5.22 -5.31
C ASP A 576 17.93 4.31 -5.38
N PHE A 577 17.68 3.04 -5.68
CA PHE A 577 18.77 2.08 -5.68
C PHE A 577 19.51 2.12 -7.02
N GLY A 578 20.67 1.47 -7.05
CA GLY A 578 21.48 1.42 -8.25
C GLY A 578 21.97 2.79 -8.66
N THR A 579 21.92 3.74 -7.74
CA THR A 579 22.25 5.13 -7.99
C THR A 579 23.29 5.58 -6.98
N THR A 580 24.40 6.11 -7.48
CA THR A 580 25.49 6.59 -6.61
C THR A 580 25.26 8.07 -6.32
N TYR A 581 25.04 8.40 -5.05
CA TYR A 581 24.78 9.76 -4.64
C TYR A 581 26.04 10.38 -4.06
N LEU A 582 26.19 11.68 -4.29
CA LEU A 582 27.23 12.48 -3.64
C LEU A 582 26.56 13.67 -2.98
N PHE A 583 26.81 13.85 -1.69
CA PHE A 583 26.19 14.91 -0.92
C PHE A 583 27.27 15.87 -0.42
N VAL A 584 27.04 17.16 -0.63
CA VAL A 584 27.92 18.20 -0.13
C VAL A 584 27.23 18.89 1.03
N ILE A 585 27.91 18.96 2.18
CA ILE A 585 27.34 19.52 3.40
C ILE A 585 27.86 20.93 3.55
N THR A 586 26.94 21.90 3.54
CA THR A 586 27.29 23.31 3.64
C THR A 586 26.67 23.90 4.90
N ASN A 587 27.37 24.88 5.47
CA ASN A 587 26.92 25.62 6.64
C ASN A 587 26.90 27.11 6.33
N ILE A 588 26.29 27.46 5.20
CA ILE A 588 26.24 28.86 4.77
C ILE A 588 25.56 29.70 5.85
N THR A 589 26.06 30.93 6.02
CA THR A 589 25.62 31.77 7.14
C THR A 589 24.13 32.01 7.11
N SER A 590 23.58 32.37 5.95
CA SER A 590 22.19 32.80 5.89
C SER A 590 21.23 31.63 6.10
N GLN A 591 21.43 30.53 5.39
CA GLN A 591 20.45 29.46 5.32
C GLN A 591 20.75 28.28 6.23
N GLY A 592 21.82 28.33 7.01
CA GLY A 592 22.11 27.26 7.94
C GLY A 592 22.68 26.02 7.28
N LEU A 593 22.40 24.86 7.88
CA LEU A 593 22.94 23.60 7.42
C LEU A 593 22.01 22.97 6.39
N GLN A 594 22.51 22.83 5.15
CA GLN A 594 21.73 22.20 4.10
C GLN A 594 22.67 21.37 3.23
N ALA A 595 22.13 20.27 2.71
CA ALA A 595 22.89 19.34 1.89
C ALA A 595 22.45 19.48 0.43
N TRP A 596 23.42 19.65 -0.46
CA TRP A 596 23.15 19.82 -1.88
C TRP A 596 23.36 18.51 -2.62
N LYS A 597 22.31 18.02 -3.25
CA LYS A 597 22.30 16.71 -3.87
C LYS A 597 23.21 16.68 -5.10
N ALA A 598 23.65 15.47 -5.45
CA ALA A 598 24.39 15.24 -6.68
C ALA A 598 24.34 13.74 -6.95
N GLU A 599 23.79 13.36 -8.10
CA GLU A 599 23.45 11.96 -8.36
C GLU A 599 24.19 11.42 -9.57
N ASP A 600 24.53 10.13 -9.49
CA ASP A 600 24.79 9.34 -10.68
C ASP A 600 23.44 8.86 -11.22
N ILE A 601 23.43 8.00 -12.22
CA ILE A 601 22.15 7.60 -12.80
C ILE A 601 22.29 6.29 -13.56
N PRO A 602 21.31 5.39 -13.47
CA PRO A 602 21.27 4.23 -14.38
C PRO A 602 20.57 4.64 -15.67
N VAL A 603 21.20 4.35 -16.80
CA VAL A 603 20.67 4.78 -18.09
C VAL A 603 19.33 4.10 -18.36
N ASN A 604 19.32 2.77 -18.40
CA ASN A 604 18.12 2.03 -18.76
C ASN A 604 17.20 1.85 -17.54
N LYS A 605 16.79 2.98 -16.98
CA LYS A 605 15.77 3.02 -15.93
C LYS A 605 14.42 3.19 -16.60
N LEU A 606 13.61 2.14 -16.62
CA LEU A 606 12.31 2.20 -17.26
C LEU A 606 11.40 3.13 -16.49
N SER A 607 10.60 3.90 -17.23
CA SER A 607 9.74 4.91 -16.61
C SER A 607 8.65 4.24 -15.79
N ILE A 608 7.83 5.06 -15.12
CA ILE A 608 6.65 4.56 -14.44
C ILE A 608 5.64 4.01 -15.43
N ALA A 609 5.76 4.37 -16.70
CA ALA A 609 5.05 3.68 -17.77
C ALA A 609 5.71 2.31 -17.96
N TRP A 610 5.32 1.59 -18.99
CA TRP A 610 5.68 0.19 -19.17
C TRP A 610 5.19 -0.67 -18.01
N GLN A 611 4.43 -0.08 -17.09
CA GLN A 611 3.65 -0.82 -16.11
C GLN A 611 2.17 -0.75 -16.38
N LEU A 612 1.71 0.20 -17.18
CA LEU A 612 0.34 0.17 -17.69
C LEU A 612 0.02 -1.14 -18.42
N PRO A 613 0.90 -1.70 -19.26
CA PRO A 613 0.55 -2.98 -19.89
C PRO A 613 0.14 -4.06 -18.90
N GLN A 614 0.84 -4.20 -17.78
CA GLN A 614 0.41 -5.20 -16.82
C GLN A 614 -0.85 -4.76 -16.10
N TYR A 615 -1.00 -3.46 -15.83
CA TYR A 615 -2.30 -2.96 -15.37
C TYR A 615 -3.40 -3.22 -16.37
N VAL A 616 -3.13 -3.01 -17.66
CA VAL A 616 -4.16 -3.25 -18.67
C VAL A 616 -4.56 -4.72 -18.68
N LEU A 617 -3.58 -5.61 -18.70
CA LEU A 617 -3.88 -7.04 -18.76
C LEU A 617 -4.49 -7.58 -17.47
N VAL A 618 -4.24 -6.95 -16.34
CA VAL A 618 -4.88 -7.42 -15.12
C VAL A 618 -6.28 -6.84 -14.96
N THR A 619 -6.50 -5.60 -15.40
CA THR A 619 -7.83 -5.03 -15.30
C THR A 619 -8.78 -5.63 -16.33
N ALA A 620 -8.26 -6.01 -17.50
CA ALA A 620 -9.10 -6.72 -18.45
C ALA A 620 -9.52 -8.06 -17.88
N ALA A 621 -8.59 -8.75 -17.22
CA ALA A 621 -8.94 -10.00 -16.54
C ALA A 621 -10.01 -9.76 -15.48
N GLU A 622 -9.83 -8.72 -14.67
CA GLU A 622 -10.78 -8.43 -13.61
C GLU A 622 -12.18 -8.14 -14.16
N VAL A 623 -12.25 -7.34 -15.23
CA VAL A 623 -13.57 -6.99 -15.77
C VAL A 623 -14.20 -8.20 -16.46
N MET A 624 -13.43 -8.97 -17.21
CA MET A 624 -14.00 -10.14 -17.86
C MET A 624 -14.38 -11.22 -16.86
N PHE A 625 -13.81 -11.20 -15.66
CA PHE A 625 -14.08 -12.23 -14.68
C PHE A 625 -15.18 -11.86 -13.71
N SER A 626 -15.10 -10.68 -13.08
CA SER A 626 -16.06 -10.35 -12.02
C SER A 626 -17.47 -10.18 -12.56
N VAL A 627 -17.62 -9.42 -13.64
CA VAL A 627 -18.95 -9.19 -14.20
C VAL A 627 -19.56 -10.50 -14.68
N THR A 628 -18.77 -11.29 -15.40
CA THR A 628 -19.28 -12.56 -15.90
C THR A 628 -19.59 -13.52 -14.77
N GLY A 629 -18.81 -13.48 -13.69
CA GLY A 629 -19.11 -14.32 -12.55
C GLY A 629 -20.40 -13.93 -11.86
N LEU A 630 -20.63 -12.62 -11.69
CA LEU A 630 -21.89 -12.17 -11.11
C LEU A 630 -23.06 -12.63 -11.96
N GLU A 631 -22.99 -12.38 -13.27
CA GLU A 631 -24.11 -12.74 -14.14
C GLU A 631 -24.30 -14.26 -14.18
N PHE A 632 -23.21 -15.01 -14.22
CA PHE A 632 -23.30 -16.46 -14.26
C PHE A 632 -23.92 -17.01 -12.98
N SER A 633 -23.51 -16.45 -11.83
CA SER A 633 -24.09 -16.89 -10.57
C SER A 633 -25.58 -16.60 -10.51
N TYR A 634 -25.99 -15.42 -10.97
CA TYR A 634 -27.42 -15.11 -10.91
C TYR A 634 -28.20 -15.95 -11.91
N SER A 635 -27.66 -16.17 -13.11
CA SER A 635 -28.41 -16.78 -14.19
C SER A 635 -28.32 -18.29 -14.22
N GLN A 636 -27.55 -18.89 -13.33
CA GLN A 636 -27.49 -20.34 -13.20
C GLN A 636 -27.91 -20.76 -11.80
N ALA A 637 -28.92 -20.08 -11.27
CA ALA A 637 -29.41 -20.32 -9.93
C ALA A 637 -30.92 -20.53 -9.97
N PRO A 638 -31.43 -21.49 -9.22
CA PRO A 638 -32.88 -21.71 -9.18
C PRO A 638 -33.59 -20.50 -8.61
N SER A 639 -34.83 -20.29 -9.06
CA SER A 639 -35.57 -19.10 -8.66
C SER A 639 -35.77 -19.01 -7.15
N SER A 640 -35.74 -20.13 -6.43
CA SER A 640 -35.99 -20.13 -5.00
C SER A 640 -34.78 -19.74 -4.18
N MET A 641 -33.58 -19.71 -4.77
CA MET A 641 -32.36 -19.45 -4.02
C MET A 641 -31.44 -18.52 -4.80
N LYS A 642 -32.01 -17.46 -5.37
CA LYS A 642 -31.26 -16.60 -6.28
C LYS A 642 -30.09 -15.90 -5.62
N SER A 643 -30.05 -15.80 -4.29
CA SER A 643 -29.02 -15.04 -3.61
C SER A 643 -27.97 -15.90 -2.92
N VAL A 644 -28.24 -17.16 -2.63
CA VAL A 644 -27.21 -18.00 -2.04
C VAL A 644 -26.08 -18.22 -3.03
N LEU A 645 -26.33 -18.11 -4.33
CA LEU A 645 -25.23 -18.19 -5.29
C LEU A 645 -24.34 -16.96 -5.21
N GLN A 646 -24.93 -15.79 -5.04
CA GLN A 646 -24.13 -14.61 -4.77
C GLN A 646 -23.35 -14.77 -3.47
N ALA A 647 -23.95 -15.43 -2.47
CA ALA A 647 -23.22 -15.72 -1.25
C ALA A 647 -22.03 -16.62 -1.54
N ALA A 648 -22.21 -17.62 -2.40
CA ALA A 648 -21.11 -18.51 -2.73
C ALA A 648 -19.98 -17.75 -3.42
N TRP A 649 -20.34 -16.84 -4.34
CA TRP A 649 -19.32 -16.04 -5.01
C TRP A 649 -18.56 -15.15 -4.02
N LEU A 650 -19.30 -14.51 -3.10
CA LEU A 650 -18.66 -13.67 -2.11
C LEU A 650 -17.77 -14.47 -1.18
N LEU A 651 -18.20 -15.68 -0.79
CA LEU A 651 -17.33 -16.53 0.02
C LEU A 651 -16.13 -17.00 -0.76
N THR A 652 -16.24 -17.14 -2.07
CA THR A 652 -15.05 -17.39 -2.87
C THR A 652 -14.05 -16.26 -2.70
N VAL A 653 -14.53 -15.02 -2.84
CA VAL A 653 -13.65 -13.87 -2.62
C VAL A 653 -13.08 -13.88 -1.20
N ALA A 654 -13.90 -14.27 -0.23
CA ALA A 654 -13.49 -14.25 1.17
C ALA A 654 -12.41 -15.29 1.46
N VAL A 655 -12.58 -16.52 0.98
CA VAL A 655 -11.55 -17.52 1.13
C VAL A 655 -10.28 -17.11 0.42
N GLY A 656 -10.41 -16.42 -0.72
CA GLY A 656 -9.24 -15.86 -1.36
C GLY A 656 -8.50 -14.90 -0.45
N ASN A 657 -9.26 -14.02 0.23
CA ASN A 657 -8.63 -13.09 1.16
C ASN A 657 -7.95 -13.82 2.31
N ILE A 658 -8.57 -14.88 2.83
CA ILE A 658 -7.96 -15.65 3.91
C ILE A 658 -6.65 -16.27 3.45
N ILE A 659 -6.63 -16.81 2.23
CA ILE A 659 -5.39 -17.36 1.70
C ILE A 659 -4.34 -16.26 1.55
N VAL A 660 -4.76 -15.07 1.11
CA VAL A 660 -3.83 -13.94 1.06
C VAL A 660 -3.21 -13.70 2.43
N LEU A 661 -4.06 -13.67 3.46
CA LEU A 661 -3.56 -13.40 4.81
C LEU A 661 -2.56 -14.45 5.26
N VAL A 662 -2.87 -15.73 5.04
CA VAL A 662 -2.01 -16.78 5.56
C VAL A 662 -0.69 -16.83 4.79
N VAL A 663 -0.74 -16.62 3.47
CA VAL A 663 0.46 -16.77 2.65
C VAL A 663 1.39 -15.58 2.83
N ALA A 664 0.82 -14.38 2.98
CA ALA A 664 1.61 -13.16 2.93
C ALA A 664 2.74 -13.14 3.95
N GLN A 665 2.56 -13.85 5.07
CA GLN A 665 3.60 -13.86 6.09
C GLN A 665 4.81 -14.68 5.63
N PHE A 666 4.59 -15.73 4.85
CA PHE A 666 5.67 -16.60 4.39
C PHE A 666 6.22 -16.06 3.06
N SER A 667 6.97 -14.98 3.18
CA SER A 667 7.59 -14.33 2.02
C SER A 667 9.11 -14.35 2.20
N GLY A 668 9.80 -15.09 1.33
CA GLY A 668 11.24 -15.14 1.34
C GLY A 668 11.85 -15.24 -0.04
N LEU A 669 11.09 -14.85 -1.06
CA LEU A 669 11.47 -15.07 -2.45
C LEU A 669 11.68 -13.75 -3.16
N ALA A 670 12.57 -13.76 -4.16
CA ALA A 670 12.83 -12.58 -4.96
C ALA A 670 11.61 -12.21 -5.79
N GLN A 671 11.54 -10.95 -6.19
CA GLN A 671 10.35 -10.45 -6.89
C GLN A 671 10.11 -11.21 -8.20
N TRP A 672 11.14 -11.32 -9.03
CA TRP A 672 10.95 -11.95 -10.33
C TRP A 672 10.55 -13.41 -10.19
N ALA A 673 11.21 -14.13 -9.28
CA ALA A 673 10.80 -15.51 -9.01
C ALA A 673 9.39 -15.55 -8.44
N GLU A 674 9.05 -14.57 -7.60
CA GLU A 674 7.70 -14.50 -7.07
C GLU A 674 6.67 -14.35 -8.18
N PHE A 675 6.93 -13.46 -9.13
CA PHE A 675 5.96 -13.25 -10.21
C PHE A 675 5.87 -14.47 -11.11
N VAL A 676 7.01 -15.11 -11.41
CA VAL A 676 6.92 -16.29 -12.26
C VAL A 676 6.20 -17.42 -11.55
N LEU A 677 6.35 -17.56 -10.23
CA LEU A 677 5.60 -18.57 -9.50
C LEU A 677 4.12 -18.24 -9.44
N PHE A 678 3.78 -16.98 -9.20
CA PHE A 678 2.37 -16.58 -9.21
C PHE A 678 1.74 -16.70 -10.59
N SER A 679 2.55 -16.69 -11.65
CA SER A 679 2.01 -16.93 -12.98
C SER A 679 1.82 -18.42 -13.24
N CYS A 680 2.79 -19.25 -12.87
CA CYS A 680 2.63 -20.69 -13.07
C CYS A 680 1.48 -21.24 -12.26
N LEU A 681 1.36 -20.83 -11.00
CA LEU A 681 0.25 -21.30 -10.17
C LEU A 681 -1.08 -20.84 -10.73
N LEU A 682 -1.16 -19.59 -11.19
CA LEU A 682 -2.40 -19.11 -11.76
C LEU A 682 -2.74 -19.86 -13.04
N LEU A 683 -1.73 -20.23 -13.82
CA LEU A 683 -1.98 -21.00 -15.02
C LEU A 683 -2.53 -22.38 -14.70
N VAL A 684 -1.95 -23.06 -13.70
CA VAL A 684 -2.45 -24.39 -13.39
C VAL A 684 -3.87 -24.30 -12.80
N VAL A 685 -4.14 -23.25 -12.02
CA VAL A 685 -5.51 -23.03 -11.55
C VAL A 685 -6.45 -22.81 -12.72
N CYS A 686 -5.99 -22.08 -13.75
CA CYS A 686 -6.82 -21.85 -14.92
C CYS A 686 -7.14 -23.15 -15.64
N LEU A 687 -6.14 -24.03 -15.78
CA LEU A 687 -6.41 -25.32 -16.39
C LEU A 687 -7.39 -26.16 -15.56
N ILE A 688 -7.22 -26.17 -14.24
CA ILE A 688 -8.16 -26.90 -13.40
C ILE A 688 -9.57 -26.37 -13.60
N PHE A 689 -9.72 -25.05 -13.59
CA PHE A 689 -11.03 -24.45 -13.75
C PHE A 689 -11.62 -24.77 -15.12
N SER A 690 -10.78 -24.73 -16.16
CA SER A 690 -11.29 -25.00 -17.51
C SER A 690 -11.79 -26.42 -17.62
N VAL A 691 -11.03 -27.40 -17.09
CA VAL A 691 -11.49 -28.77 -17.14
C VAL A 691 -12.78 -28.94 -16.34
N MET A 692 -12.83 -28.36 -15.14
CA MET A 692 -14.02 -28.53 -14.31
C MET A 692 -15.22 -27.76 -14.85
N ALA A 693 -15.00 -26.83 -15.78
CA ALA A 693 -16.12 -26.13 -16.41
C ALA A 693 -16.55 -26.78 -17.71
N TYR A 694 -15.65 -27.49 -18.39
CA TYR A 694 -16.03 -28.17 -19.63
C TYR A 694 -17.01 -29.30 -19.38
N TYR A 695 -17.14 -29.77 -18.15
CA TYR A 695 -18.09 -30.82 -17.83
C TYR A 695 -19.28 -30.32 -17.04
N TYR A 696 -19.30 -29.05 -16.67
CA TYR A 696 -20.43 -28.50 -15.92
C TYR A 696 -21.66 -28.45 -16.81
N VAL A 697 -22.68 -29.23 -16.47
CA VAL A 697 -23.95 -29.14 -17.20
C VAL A 697 -24.65 -27.85 -16.81
N PRO A 698 -25.26 -27.13 -17.74
CA PRO A 698 -25.92 -25.87 -17.39
C PRO A 698 -27.33 -26.09 -16.85
N LEU A 699 -27.81 -25.10 -16.12
CA LEU A 699 -29.15 -25.12 -15.58
C LEU A 699 -30.16 -24.81 -16.68
N LYS A 700 -31.26 -25.55 -16.68
CA LYS A 700 -32.29 -25.38 -17.70
C LYS A 700 -33.66 -25.83 -17.18
N GLN B 6 15.06 -6.61 27.31
CA GLN B 6 15.01 -6.44 28.78
C GLN B 6 16.32 -5.84 29.27
N LEU B 7 16.40 -5.45 30.54
CA LEU B 7 17.59 -4.77 31.10
C LEU B 7 18.05 -3.66 30.15
N VAL B 8 17.19 -2.67 29.87
CA VAL B 8 17.49 -1.59 28.88
C VAL B 8 18.53 -0.60 29.44
N GLU B 9 19.17 0.20 28.59
CA GLU B 9 20.18 1.22 29.03
C GLU B 9 19.84 2.60 28.43
N SER B 10 20.73 3.60 28.53
CA SER B 10 20.44 4.97 28.02
C SER B 10 21.69 5.85 27.91
N GLY B 11 21.78 6.73 26.90
CA GLY B 11 22.93 7.65 26.71
C GLY B 11 22.54 8.97 26.04
N GLY B 12 22.96 10.12 26.58
CA GLY B 12 22.64 11.48 26.06
C GLY B 12 23.11 12.52 27.06
N GLY B 13 23.07 13.84 26.77
CA GLY B 13 23.65 14.78 27.75
C GLY B 13 23.29 16.25 27.65
N LEU B 14 24.05 17.15 28.28
CA LEU B 14 23.74 18.61 28.32
C LEU B 14 23.65 19.20 26.92
N VAL B 15 23.00 20.37 26.76
CA VAL B 15 22.72 20.98 25.48
C VAL B 15 22.82 22.50 25.59
N GLN B 16 23.08 23.13 24.44
CA GLN B 16 22.92 24.57 24.28
C GLN B 16 21.46 24.96 24.22
N PRO B 17 21.12 26.23 24.45
CA PRO B 17 19.71 26.64 24.47
C PRO B 17 18.94 26.34 23.18
N GLY B 18 19.61 25.97 22.10
CA GLY B 18 18.90 25.74 20.85
C GLY B 18 19.39 24.55 20.05
N GLY B 19 20.24 23.72 20.63
CA GLY B 19 20.83 22.60 19.94
C GLY B 19 19.87 21.44 19.74
N SER B 20 20.44 20.24 19.73
CA SER B 20 19.70 19.00 19.55
C SER B 20 20.49 17.86 20.17
N LEU B 21 19.91 16.67 20.18
CA LEU B 21 20.62 15.49 20.65
C LEU B 21 20.17 14.25 19.91
N ARG B 22 20.79 13.14 20.28
CA ARG B 22 20.39 11.81 19.88
C ARG B 22 20.47 10.90 21.09
N LEU B 23 19.34 10.31 21.47
CA LEU B 23 19.26 9.43 22.63
C LEU B 23 19.36 7.98 22.16
N LEU B 24 20.12 7.18 22.90
CA LEU B 24 20.39 5.79 22.53
C LEU B 24 19.85 4.88 23.61
N CYS B 25 19.31 3.74 23.20
CA CYS B 25 18.76 2.76 24.13
C CYS B 25 18.97 1.38 23.55
N VAL B 26 19.79 0.56 24.20
CA VAL B 26 20.09 -0.78 23.72
C VAL B 26 19.35 -1.79 24.60
N ALA B 27 19.07 -2.95 24.03
CA ALA B 27 18.52 -4.08 24.77
C ALA B 27 19.66 -5.03 25.11
N SER B 28 19.71 -5.47 26.36
CA SER B 28 20.89 -6.16 26.87
C SER B 28 20.70 -7.64 27.15
N GLY B 29 19.49 -8.17 27.06
CA GLY B 29 19.33 -9.56 27.46
C GLY B 29 18.44 -10.46 26.61
N ARG B 30 17.73 -9.92 25.63
CA ARG B 30 16.77 -10.71 24.87
C ARG B 30 16.64 -10.09 23.48
N PRO B 31 16.11 -10.84 22.52
CA PRO B 31 15.93 -10.30 21.16
C PRO B 31 15.07 -9.04 21.16
N PHE B 32 15.68 -7.94 20.73
CA PHE B 32 15.02 -6.64 20.68
C PHE B 32 13.90 -6.59 19.66
N ASN B 33 13.79 -7.57 18.77
CA ASN B 33 12.75 -7.56 17.76
C ASN B 33 11.37 -7.66 18.40
N ASP B 34 11.22 -8.52 19.40
CA ASP B 34 9.93 -8.82 19.99
C ASP B 34 9.45 -7.76 20.98
N TYR B 35 10.04 -6.58 20.98
CA TYR B 35 9.74 -5.57 22.00
C TYR B 35 9.21 -4.31 21.35
N ASP B 36 8.00 -3.92 21.73
CA ASP B 36 7.51 -2.57 21.45
C ASP B 36 8.21 -1.57 22.37
N MET B 37 8.40 -0.36 21.86
CA MET B 37 9.37 0.53 22.47
C MET B 37 8.79 1.93 22.58
N GLY B 38 9.17 2.65 23.63
CA GLY B 38 8.63 3.98 23.85
C GLY B 38 9.59 4.86 24.62
N TRP B 39 9.35 6.17 24.53
CA TRP B 39 10.17 7.17 25.16
C TRP B 39 9.34 7.99 26.13
N PHE B 40 9.86 8.17 27.34
CA PHE B 40 9.20 8.96 28.38
C PHE B 40 10.17 10.03 28.89
N ARG B 41 9.59 11.06 29.50
CA ARG B 41 10.37 12.06 30.21
C ARG B 41 9.78 12.23 31.60
N GLN B 42 10.52 12.89 32.47
CA GLN B 42 10.02 13.15 33.82
C GLN B 42 10.71 14.41 34.33
N ALA B 43 10.03 15.54 34.24
CA ALA B 43 10.61 16.80 34.69
C ALA B 43 10.82 16.75 36.20
N PRO B 44 11.73 17.57 36.74
CA PRO B 44 11.98 17.52 38.19
C PRO B 44 10.81 18.09 38.99
N GLY B 45 9.61 17.58 38.70
CA GLY B 45 8.40 17.98 39.39
C GLY B 45 7.62 16.78 39.86
N LYS B 46 6.36 16.68 39.43
CA LYS B 46 5.50 15.58 39.83
C LYS B 46 4.72 15.10 38.60
N GLU B 47 5.44 14.93 37.48
CA GLU B 47 4.82 14.52 36.24
C GLU B 47 5.48 13.25 35.75
N ARG B 48 4.88 12.67 34.71
CA ARG B 48 5.52 11.62 33.92
C ARG B 48 4.91 11.70 32.51
N GLU B 49 5.60 12.40 31.62
CA GLU B 49 5.05 12.73 30.32
C GLU B 49 5.50 11.73 29.27
N PHE B 50 4.55 11.25 28.49
CA PHE B 50 4.88 10.48 27.30
C PHE B 50 5.55 11.38 26.27
N VAL B 51 6.59 10.86 25.62
CA VAL B 51 7.40 11.64 24.69
C VAL B 51 7.20 11.16 23.25
N ALA B 52 7.54 9.91 22.97
CA ALA B 52 7.38 9.38 21.62
C ALA B 52 7.30 7.87 21.72
N SER B 53 6.84 7.25 20.65
CA SER B 53 6.65 5.80 20.65
C SER B 53 6.87 5.26 19.25
N ILE B 54 7.72 4.24 19.14
CA ILE B 54 7.90 3.50 17.92
C ILE B 54 7.43 2.07 18.14
N SER B 55 6.73 1.54 17.15
CA SER B 55 6.10 0.24 17.24
C SER B 55 7.11 -0.84 16.86
N TRP B 56 6.67 -2.09 16.96
CA TRP B 56 7.47 -3.19 16.47
C TRP B 56 7.78 -3.00 15.00
N SER B 57 9.02 -3.29 14.61
CA SER B 57 9.57 -3.15 13.27
C SER B 57 9.76 -1.69 12.89
N GLY B 58 9.43 -0.74 13.76
CA GLY B 58 9.63 0.66 13.48
C GLY B 58 8.75 1.18 12.37
N ARG B 59 7.75 0.39 11.99
CA ARG B 59 6.88 0.79 10.89
C ARG B 59 5.93 1.92 11.28
N VAL B 60 5.47 1.93 12.53
CA VAL B 60 4.54 2.94 13.02
C VAL B 60 5.18 3.71 14.16
N THR B 61 5.21 5.02 14.05
CA THR B 61 5.79 5.89 15.07
C THR B 61 4.76 6.97 15.42
N ASP B 62 4.79 7.41 16.68
CA ASP B 62 3.85 8.40 17.15
C ASP B 62 4.59 9.31 18.12
N TYR B 63 4.28 10.60 18.07
CA TYR B 63 4.93 11.61 18.90
C TYR B 63 3.88 12.37 19.70
N SER B 64 4.29 12.81 20.89
CA SER B 64 3.39 13.52 21.77
C SER B 64 2.97 14.86 21.15
N ASP B 65 1.97 15.49 21.77
CA ASP B 65 1.47 16.77 21.27
C ASP B 65 2.57 17.82 21.31
N SER B 66 3.35 17.85 22.37
CA SER B 66 4.47 18.79 22.44
C SER B 66 5.54 18.44 21.42
N MET B 67 6.10 17.23 21.52
CA MET B 67 7.16 16.74 20.65
C MET B 67 8.18 17.85 20.36
N LYS B 68 8.80 18.31 21.46
CA LYS B 68 9.54 19.57 21.52
C LYS B 68 10.35 19.82 20.26
N GLY B 69 10.09 20.94 19.60
CA GLY B 69 10.62 21.18 18.28
C GLY B 69 10.21 20.04 17.35
N ARG B 70 11.18 19.27 16.90
CA ARG B 70 10.93 18.06 16.14
C ARG B 70 11.60 16.90 16.84
N CYS B 71 10.98 15.73 16.76
CA CYS B 71 11.56 14.50 17.29
C CYS B 71 11.43 13.41 16.25
N THR B 72 12.33 12.43 16.30
CA THR B 72 12.32 11.32 15.36
C THR B 72 12.82 10.08 16.07
N VAL B 73 11.97 9.06 16.13
CA VAL B 73 12.34 7.80 16.75
C VAL B 73 12.64 6.80 15.64
N SER B 74 13.62 5.94 15.89
CA SER B 74 13.97 4.89 14.94
C SER B 74 14.61 3.75 15.72
N ARG B 75 14.53 2.57 15.14
CA ARG B 75 15.07 1.38 15.79
C ARG B 75 15.64 0.46 14.72
N ASP B 76 16.78 -0.16 15.03
CA ASP B 76 17.32 -1.22 14.21
C ASP B 76 17.29 -2.50 15.03
N ASN B 77 16.46 -3.45 14.60
CA ASN B 77 16.32 -4.72 15.29
C ASN B 77 17.61 -5.49 15.35
N ALA B 78 18.55 -5.21 14.44
CA ALA B 78 19.92 -5.70 14.54
C ALA B 78 20.70 -4.75 15.42
N LYS B 79 21.48 -5.33 16.34
CA LYS B 79 22.19 -4.69 17.45
C LYS B 79 21.21 -4.25 18.53
N GLY B 80 19.90 -4.31 18.26
CA GLY B 80 18.89 -3.99 19.26
C GLY B 80 19.02 -2.64 19.92
N THR B 81 18.81 -1.56 19.17
CA THR B 81 18.99 -0.23 19.73
C THR B 81 17.94 0.71 19.14
N MET B 82 17.55 1.70 19.93
CA MET B 82 16.53 2.67 19.55
C MET B 82 17.08 4.09 19.68
N PHE B 83 16.75 4.94 18.71
CA PHE B 83 17.32 6.27 18.60
C PHE B 83 16.22 7.33 18.71
N LEU B 84 16.41 8.29 19.60
CA LEU B 84 15.58 9.48 19.70
C LEU B 84 16.39 10.70 19.31
N GLN B 85 15.80 11.56 18.48
CA GLN B 85 16.52 12.72 17.95
C GLN B 85 15.64 13.97 18.10
N MET B 86 15.83 14.70 19.19
CA MET B 86 15.20 16.01 19.32
C MET B 86 15.87 16.98 18.36
N SER B 87 15.17 18.06 18.05
CA SER B 87 15.67 19.05 17.11
C SER B 87 15.87 20.43 17.72
N ASN B 88 14.96 20.89 18.58
CA ASN B 88 14.92 22.28 19.01
C ASN B 88 14.76 22.36 20.52
N LEU B 89 15.62 21.65 21.24
CA LEU B 89 15.58 21.69 22.70
C LEU B 89 15.65 23.13 23.21
N VAL B 90 14.74 23.45 24.12
CA VAL B 90 14.59 24.80 24.66
C VAL B 90 14.78 24.71 26.18
N PRO B 91 14.84 25.83 26.94
CA PRO B 91 15.15 25.69 28.37
C PRO B 91 14.07 24.97 29.16
N ARG B 92 13.01 24.54 28.49
CA ARG B 92 12.07 23.60 29.07
C ARG B 92 12.66 22.20 28.93
N ASP B 93 11.85 21.18 29.18
CA ASP B 93 12.09 19.74 29.02
C ASP B 93 13.46 19.31 29.52
N THR B 94 14.04 20.04 30.46
CA THR B 94 15.16 19.49 31.22
C THR B 94 14.58 18.47 32.19
N ALA B 95 14.80 17.19 31.89
CA ALA B 95 14.07 16.14 32.58
C ALA B 95 14.96 14.93 32.71
N VAL B 96 14.36 13.80 33.08
CA VAL B 96 15.05 12.52 33.16
C VAL B 96 14.40 11.60 32.14
N TYR B 97 14.92 11.60 30.92
CA TYR B 97 14.28 10.87 29.84
C TYR B 97 14.39 9.36 30.05
N TYR B 98 13.25 8.72 30.21
CA TYR B 98 13.17 7.30 30.49
C TYR B 98 12.97 6.54 29.19
N CYS B 99 13.57 5.36 29.13
CA CYS B 99 13.42 4.44 28.00
C CYS B 99 12.59 3.25 28.45
N ALA B 100 11.52 2.95 27.71
CA ALA B 100 10.54 1.98 28.14
C ALA B 100 10.33 0.92 27.08
N ALA B 101 10.02 -0.30 27.52
CA ALA B 101 9.83 -1.44 26.65
C ALA B 101 8.57 -2.20 27.04
N ALA B 102 7.99 -2.90 26.08
CA ALA B 102 6.80 -3.70 26.33
C ALA B 102 6.71 -4.81 25.30
N ARG B 103 6.44 -6.03 25.76
CA ARG B 103 6.39 -7.18 24.88
C ARG B 103 5.19 -7.07 23.93
N ARG B 104 5.31 -7.71 22.77
CA ARG B 104 4.25 -7.68 21.77
C ARG B 104 3.06 -8.53 22.19
N ARG B 105 2.13 -7.94 22.91
CA ARG B 105 0.91 -8.62 23.31
C ARG B 105 -0.28 -8.09 22.51
N TRP B 106 -1.44 -8.67 22.77
CA TRP B 106 -2.71 -8.16 22.24
C TRP B 106 -3.41 -7.45 23.38
N THR B 107 -3.35 -6.12 23.39
CA THR B 107 -3.95 -5.34 24.44
C THR B 107 -4.63 -4.11 23.84
N PHE B 108 -5.60 -3.57 24.58
CA PHE B 108 -6.28 -2.35 24.20
C PHE B 108 -5.81 -1.16 25.01
N LYS B 109 -4.81 -1.36 25.88
CA LYS B 109 -4.21 -0.25 26.60
C LYS B 109 -3.56 0.71 25.62
N ALA B 110 -3.62 2.00 25.94
CA ALA B 110 -3.08 3.01 25.06
C ALA B 110 -1.56 2.90 24.98
N THR B 111 -1.03 3.15 23.78
CA THR B 111 0.40 3.09 23.57
C THR B 111 1.13 4.34 24.05
N ASN B 112 0.41 5.38 24.45
CA ASN B 112 1.01 6.62 24.89
C ASN B 112 0.74 6.90 26.37
N THR B 113 0.77 5.88 27.21
CA THR B 113 0.52 6.05 28.62
C THR B 113 1.56 5.30 29.44
N GLU B 114 1.69 5.70 30.69
CA GLU B 114 2.58 5.00 31.62
C GLU B 114 1.86 3.79 32.21
N GLU B 115 1.21 3.02 31.35
CA GLU B 115 0.55 1.78 31.73
C GLU B 115 0.90 0.62 30.82
N PHE B 116 1.03 0.87 29.51
CA PHE B 116 1.28 -0.20 28.56
C PHE B 116 2.67 -0.77 28.73
N TYR B 117 3.65 0.09 28.95
CA TYR B 117 5.04 -0.35 29.05
C TYR B 117 5.31 -0.94 30.41
N GLU B 118 6.09 -2.02 30.43
CA GLU B 118 6.25 -2.82 31.64
C GLU B 118 7.63 -2.70 32.28
N THR B 119 8.68 -2.40 31.51
CA THR B 119 10.05 -2.56 31.99
C THR B 119 10.94 -1.38 31.63
N TRP B 120 10.49 -0.16 31.91
CA TRP B 120 11.34 0.99 31.65
C TRP B 120 12.55 0.98 32.58
N GLY B 121 13.72 1.20 32.00
CA GLY B 121 14.98 1.18 32.72
C GLY B 121 15.34 2.58 33.19
N GLN B 122 16.59 2.77 33.61
CA GLN B 122 17.09 4.06 34.06
C GLN B 122 16.93 5.11 32.96
N GLY B 123 17.18 6.36 33.33
CA GLY B 123 17.06 7.46 32.41
C GLY B 123 18.26 8.39 32.46
N THR B 124 18.47 9.10 31.36
CA THR B 124 19.50 10.11 31.29
C THR B 124 19.10 11.33 32.11
N GLN B 125 19.94 12.36 32.12
CA GLN B 125 19.63 13.60 32.83
C GLN B 125 19.93 14.77 31.92
N VAL B 126 19.29 14.69 30.74
CA VAL B 126 19.44 15.77 29.72
C VAL B 126 19.00 17.09 30.33
N THR B 127 19.87 18.09 30.28
CA THR B 127 19.52 19.44 30.78
C THR B 127 19.58 20.34 29.55
N VAL B 128 19.33 21.65 29.68
CA VAL B 128 19.46 22.59 28.52
C VAL B 128 19.98 23.93 29.04
#